data_5FHO
#
_entry.id   5FHO
#
_cell.length_a   70.983
_cell.length_b   109.982
_cell.length_c   144.208
_cell.angle_alpha   90.000
_cell.angle_beta   90.000
_cell.angle_gamma   90.000
#
_symmetry.space_group_name_H-M   'P 21 21 21'
#
loop_
_entity.id
_entity.type
_entity.pdbx_description
1 polymer 'Glutamate receptor 2,Glutamate receptor 2'
2 non-polymer (1S)-1-carboxy-2-(5-{2-[(3-chlorophenyl)methyl]-2H-tetrazol-5-yl}-3-oxo-2,3-dihydro-1,2-oxazol-4-yl)ethan-1-aminium
3 non-polymer 'SULFATE ION'
4 non-polymer GLYCEROL
5 non-polymer 'CHLORIDE ION'
6 non-polymer 1,2-ETHANEDIOL
7 non-polymer 'TETRAETHYLENE GLYCOL'
8 water water
#
_entity_poly.entity_id   1
_entity_poly.type   'polypeptide(L)'
_entity_poly.pdbx_seq_one_letter_code
;GANKTVVVTTILESPYVMMKKNHEMLEGNERYEGYCVDLAAEIAKHCGFKYKLTIVGDGKYGARDADTKIWNGMVGELVY
GKADIAIAPLTITLVREEVIDFSKPFMSLGISIMIKKGTPIESAEDLSKQTEIAYGTLDSGSTKEFFRRSKIAVFDKMWT
YMRSAEPSVFVRTTAEGVARVRKSKGKYAYLLESTMNEYIEQRKPCDTMKVGGNLDSKGYGIATPKGSSLGNAVNLAVLK
LNEQGLLDKLKNKWWYDKGECGSG
;
_entity_poly.pdbx_strand_id   A,B,C,D
#
loop_
_chem_comp.id
_chem_comp.type
_chem_comp.name
_chem_comp.formula
5XN non-polymer (1S)-1-carboxy-2-(5-{2-[(3-chlorophenyl)methyl]-2H-tetrazol-5-yl}-3-oxo-2,3-dihydro-1,2-oxazol-4-yl)ethan-1-aminium 'C14 H14 Cl N6 O4 1'
CL non-polymer 'CHLORIDE ION' 'Cl -1'
EDO non-polymer 1,2-ETHANEDIOL 'C2 H6 O2'
GOL non-polymer GLYCEROL 'C3 H8 O3'
PG4 non-polymer 'TETRAETHYLENE GLYCOL' 'C8 H18 O5'
SO4 non-polymer 'SULFATE ION' 'O4 S -2'
#
# COMPACT_ATOMS: atom_id res chain seq x y z
N LYS A 4 -2.65 -34.76 -21.22
CA LYS A 4 -3.02 -35.23 -19.89
C LYS A 4 -2.85 -34.10 -18.86
N THR A 5 -3.14 -34.41 -17.60
CA THR A 5 -2.99 -33.42 -16.55
C THR A 5 -1.52 -33.22 -16.23
N VAL A 6 -1.07 -31.97 -16.24
CA VAL A 6 0.32 -31.64 -15.95
C VAL A 6 0.53 -31.65 -14.44
N VAL A 7 1.57 -32.36 -14.00
CA VAL A 7 1.92 -32.42 -12.58
C VAL A 7 2.87 -31.27 -12.27
N VAL A 8 2.42 -30.35 -11.43
CA VAL A 8 3.22 -29.20 -11.01
C VAL A 8 3.80 -29.50 -9.63
N THR A 9 5.12 -29.45 -9.53
CA THR A 9 5.81 -29.58 -8.26
C THR A 9 6.18 -28.19 -7.74
N THR A 10 5.96 -27.97 -6.45
CA THR A 10 6.27 -26.70 -5.82
C THR A 10 6.61 -26.98 -4.35
N ILE A 11 6.88 -25.90 -3.62
CA ILE A 11 7.32 -26.01 -2.23
C ILE A 11 6.48 -25.05 -1.38
N LEU A 12 6.29 -25.43 -0.12
CA LEU A 12 5.44 -24.68 0.79
C LEU A 12 6.25 -23.55 1.41
N GLU A 13 6.20 -22.38 0.76
CA GLU A 13 6.93 -21.20 1.20
C GLU A 13 6.03 -19.98 1.04
N SER A 14 5.80 -19.26 2.13
CA SER A 14 5.00 -18.05 2.08
C SER A 14 5.83 -16.88 1.55
N PRO A 15 5.21 -16.00 0.74
CA PRO A 15 3.84 -15.98 0.26
C PRO A 15 3.66 -16.64 -1.10
N TYR A 16 4.60 -17.50 -1.50
CA TYR A 16 4.53 -18.15 -2.80
C TYR A 16 3.47 -19.25 -2.82
N VAL A 17 3.53 -20.17 -1.86
CA VAL A 17 2.54 -21.24 -1.73
C VAL A 17 2.21 -21.37 -0.25
N MET A 18 0.91 -21.34 0.05
CA MET A 18 0.44 -21.40 1.43
C MET A 18 -0.85 -22.20 1.48
N MET A 19 -1.17 -22.69 2.67
CA MET A 19 -2.42 -23.41 2.89
C MET A 19 -3.56 -22.41 3.06
N LYS A 20 -4.62 -22.59 2.28
CA LYS A 20 -5.81 -21.76 2.41
C LYS A 20 -6.45 -21.94 3.78
N LYS A 21 -7.19 -20.92 4.21
CA LYS A 21 -8.07 -21.07 5.35
C LYS A 21 -8.99 -22.27 5.13
N ASN A 22 -9.09 -23.13 6.14
CA ASN A 22 -9.99 -24.28 6.08
C ASN A 22 -9.54 -25.31 5.05
N HIS A 23 -8.24 -25.34 4.75
CA HIS A 23 -7.73 -26.21 3.70
C HIS A 23 -8.05 -27.68 3.96
N GLU A 24 -8.19 -28.06 5.23
CA GLU A 24 -8.52 -29.44 5.54
C GLU A 24 -9.82 -29.88 4.89
N MET A 25 -10.74 -28.95 4.67
CA MET A 25 -12.03 -29.24 4.07
C MET A 25 -12.06 -28.99 2.56
N LEU A 26 -10.94 -28.59 1.98
CA LEU A 26 -10.86 -28.34 0.54
C LEU A 26 -10.08 -29.47 -0.14
N GLU A 27 -10.15 -29.49 -1.47
CA GLU A 27 -9.61 -30.59 -2.25
C GLU A 27 -8.82 -30.06 -3.44
N GLY A 28 -7.81 -30.83 -3.83
CA GLY A 28 -7.06 -30.53 -5.04
C GLY A 28 -6.32 -29.20 -4.95
N ASN A 29 -6.33 -28.46 -6.06
CA ASN A 29 -5.62 -27.19 -6.13
C ASN A 29 -6.23 -26.13 -5.23
N GLU A 30 -7.49 -26.30 -4.81
CA GLU A 30 -8.13 -25.30 -3.97
C GLU A 30 -7.56 -25.27 -2.56
N ARG A 31 -6.78 -26.27 -2.17
CA ARG A 31 -6.14 -26.25 -0.86
C ARG A 31 -5.07 -25.17 -0.75
N TYR A 32 -4.54 -24.67 -1.86
CA TYR A 32 -3.38 -23.81 -1.86
C TYR A 32 -3.73 -22.43 -2.41
N GLU A 33 -2.91 -21.45 -2.03
CA GLU A 33 -3.00 -20.11 -2.55
C GLU A 33 -1.62 -19.46 -2.45
N GLY A 34 -1.44 -18.40 -3.22
CA GLY A 34 -0.18 -17.66 -3.19
C GLY A 34 0.30 -17.20 -4.55
N TYR A 35 1.46 -16.53 -4.57
CA TYR A 35 2.01 -16.01 -5.81
C TYR A 35 2.18 -17.10 -6.86
N CYS A 36 2.77 -18.23 -6.46
CA CYS A 36 3.00 -19.32 -7.41
C CYS A 36 1.70 -20.01 -7.80
N VAL A 37 0.73 -20.06 -6.88
CA VAL A 37 -0.55 -20.67 -7.21
C VAL A 37 -1.27 -19.83 -8.27
N ASP A 38 -1.26 -18.51 -8.11
CA ASP A 38 -1.80 -17.63 -9.14
C ASP A 38 -0.97 -17.73 -10.42
N LEU A 39 0.35 -17.82 -10.29
CA LEU A 39 1.21 -17.85 -11.47
C LEU A 39 0.96 -19.11 -12.29
N ALA A 40 0.81 -20.26 -11.62
CA ALA A 40 0.54 -21.51 -12.33
C ALA A 40 -0.76 -21.41 -13.14
N ALA A 41 -1.81 -20.86 -12.54
CA ALA A 41 -3.07 -20.71 -13.25
C ALA A 41 -2.91 -19.87 -14.51
N GLU A 42 -2.15 -18.78 -14.43
CA GLU A 42 -1.95 -17.92 -15.58
C GLU A 42 -1.20 -18.64 -16.70
N ILE A 43 -0.10 -19.32 -16.35
CA ILE A 43 0.67 -20.07 -17.34
C ILE A 43 -0.17 -21.20 -17.92
N ALA A 44 -0.90 -21.91 -17.08
CA ALA A 44 -1.78 -22.97 -17.57
C ALA A 44 -2.86 -22.39 -18.50
N LYS A 45 -3.25 -21.14 -18.28
CA LYS A 45 -4.25 -20.51 -19.13
C LYS A 45 -3.66 -20.17 -20.50
N HIS A 46 -2.49 -19.54 -20.51
CA HIS A 46 -1.87 -19.15 -21.78
C HIS A 46 -1.32 -20.35 -22.53
N CYS A 47 -0.87 -21.38 -21.82
CA CYS A 47 -0.36 -22.60 -22.45
C CYS A 47 -1.46 -23.64 -22.68
N GLY A 48 -2.66 -23.41 -22.17
CA GLY A 48 -3.79 -24.29 -22.45
C GLY A 48 -3.61 -25.72 -22.00
N PHE A 49 -3.37 -25.94 -20.70
CA PHE A 49 -3.34 -27.29 -20.17
C PHE A 49 -3.92 -27.29 -18.76
N LYS A 50 -4.44 -28.45 -18.36
CA LYS A 50 -4.88 -28.68 -17.00
C LYS A 50 -3.71 -29.18 -16.16
N TYR A 51 -3.73 -28.85 -14.87
CA TYR A 51 -2.58 -29.12 -14.01
C TYR A 51 -3.05 -29.50 -12.61
N LYS A 52 -2.17 -30.21 -11.91
CA LYS A 52 -2.37 -30.58 -10.51
C LYS A 52 -1.18 -30.13 -9.70
N LEU A 53 -1.44 -29.35 -8.65
CA LEU A 53 -0.38 -28.87 -7.77
C LEU A 53 0.01 -29.95 -6.77
N THR A 54 1.31 -30.14 -6.58
CA THR A 54 1.84 -31.10 -5.62
C THR A 54 3.06 -30.51 -4.94
N ILE A 55 3.21 -30.81 -3.66
CA ILE A 55 4.35 -30.33 -2.88
C ILE A 55 5.48 -31.35 -2.99
N VAL A 56 6.69 -30.87 -3.26
CA VAL A 56 7.83 -31.76 -3.43
C VAL A 56 7.93 -32.70 -2.23
N GLY A 57 8.24 -33.96 -2.52
CA GLY A 57 8.17 -35.00 -1.49
C GLY A 57 9.15 -34.78 -0.36
N ASP A 58 10.43 -34.59 -0.69
CA ASP A 58 11.45 -34.44 0.34
C ASP A 58 11.57 -33.02 0.87
N GLY A 59 10.71 -32.11 0.43
CA GLY A 59 10.76 -30.74 0.92
C GLY A 59 12.06 -30.01 0.59
N LYS A 60 12.71 -30.37 -0.51
CA LYS A 60 13.98 -29.79 -0.88
C LYS A 60 13.84 -29.02 -2.20
N TYR A 61 14.69 -28.00 -2.35
CA TYR A 61 14.74 -27.24 -3.60
C TYR A 61 15.45 -28.04 -4.69
N GLY A 62 16.69 -28.44 -4.44
CA GLY A 62 17.42 -29.24 -5.41
C GLY A 62 18.93 -29.15 -5.30
N ALA A 63 19.56 -30.27 -4.95
CA ALA A 63 21.01 -30.38 -4.95
C ALA A 63 21.38 -31.76 -5.48
N ARG A 64 22.63 -31.90 -5.91
CA ARG A 64 23.14 -33.16 -6.41
C ARG A 64 24.42 -33.52 -5.68
N ASP A 65 24.71 -34.82 -5.67
CA ASP A 65 25.97 -35.31 -5.15
C ASP A 65 27.06 -35.11 -6.21
N ALA A 66 28.19 -34.53 -5.79
CA ALA A 66 29.23 -34.18 -6.75
C ALA A 66 29.70 -35.39 -7.54
N ASP A 67 29.76 -36.55 -6.91
CA ASP A 67 30.32 -37.74 -7.54
C ASP A 67 29.25 -38.52 -8.34
N THR A 68 28.10 -38.80 -7.73
CA THR A 68 27.08 -39.61 -8.39
C THR A 68 26.21 -38.79 -9.34
N LYS A 69 26.16 -37.47 -9.16
CA LYS A 69 25.34 -36.58 -9.98
C LYS A 69 23.85 -36.83 -9.82
N ILE A 70 23.44 -37.55 -8.76
CA ILE A 70 22.03 -37.80 -8.51
C ILE A 70 21.43 -36.59 -7.82
N TRP A 71 20.24 -36.19 -8.25
CA TRP A 71 19.54 -35.02 -7.74
C TRP A 71 18.47 -35.39 -6.73
N ASN A 72 18.11 -34.42 -5.89
CA ASN A 72 16.94 -34.52 -5.04
C ASN A 72 16.06 -33.28 -5.22
N GLY A 73 15.11 -33.06 -4.32
CA GLY A 73 14.29 -31.87 -4.37
C GLY A 73 13.44 -31.78 -5.62
N MET A 74 13.01 -30.56 -5.92
CA MET A 74 12.17 -30.32 -7.09
C MET A 74 12.92 -30.60 -8.39
N VAL A 75 14.22 -30.32 -8.43
CA VAL A 75 15.01 -30.65 -9.61
C VAL A 75 14.95 -32.14 -9.87
N GLY A 76 15.14 -32.94 -8.82
CA GLY A 76 15.11 -34.39 -8.98
C GLY A 76 13.77 -34.89 -9.49
N GLU A 77 12.67 -34.32 -8.99
CA GLU A 77 11.36 -34.73 -9.46
C GLU A 77 11.19 -34.47 -10.95
N LEU A 78 11.84 -33.43 -11.48
CA LEU A 78 11.78 -33.18 -12.92
C LEU A 78 12.72 -34.13 -13.66
N VAL A 79 13.94 -34.32 -13.16
CA VAL A 79 14.94 -35.12 -13.86
C VAL A 79 14.48 -36.57 -13.96
N TYR A 80 13.81 -37.08 -12.93
CA TYR A 80 13.45 -38.50 -12.87
C TYR A 80 11.97 -38.74 -13.13
N GLY A 81 11.29 -37.78 -13.76
CA GLY A 81 9.96 -38.01 -14.29
C GLY A 81 8.84 -38.10 -13.27
N LYS A 82 9.00 -37.47 -12.11
CA LYS A 82 7.94 -37.45 -11.11
C LYS A 82 7.06 -36.22 -11.22
N ALA A 83 7.54 -35.16 -11.87
CA ALA A 83 6.76 -33.96 -12.11
C ALA A 83 7.07 -33.43 -13.50
N ASP A 84 6.09 -32.76 -14.10
CA ASP A 84 6.26 -32.23 -15.44
C ASP A 84 6.78 -30.80 -15.46
N ILE A 85 6.57 -30.04 -14.39
CA ILE A 85 6.96 -28.64 -14.36
C ILE A 85 7.09 -28.22 -12.91
N ALA A 86 8.01 -27.29 -12.64
CA ALA A 86 8.23 -26.74 -11.32
C ALA A 86 7.89 -25.27 -11.33
N ILE A 87 6.93 -24.86 -10.50
CA ILE A 87 6.52 -23.47 -10.37
C ILE A 87 6.71 -23.10 -8.92
N ALA A 88 7.85 -22.49 -8.60
CA ALA A 88 8.25 -22.23 -7.23
C ALA A 88 9.37 -21.21 -7.24
N PRO A 89 9.73 -20.65 -6.08
CA PRO A 89 10.93 -19.82 -6.03
C PRO A 89 12.18 -20.65 -6.22
N LEU A 90 12.34 -21.20 -7.41
CA LEU A 90 13.47 -22.07 -7.75
C LEU A 90 14.50 -21.24 -8.51
N THR A 91 15.73 -21.25 -8.00
CA THR A 91 16.77 -20.37 -8.52
C THR A 91 17.43 -20.95 -9.77
N ILE A 92 17.60 -20.11 -10.78
CA ILE A 92 18.32 -20.50 -12.00
C ILE A 92 19.80 -20.55 -11.70
N THR A 93 20.42 -21.71 -11.89
CA THR A 93 21.84 -21.88 -11.67
C THR A 93 22.46 -22.66 -12.83
N LEU A 94 23.77 -22.52 -12.96
CA LEU A 94 24.52 -23.23 -14.00
C LEU A 94 24.27 -24.73 -13.92
N VAL A 95 24.54 -25.32 -12.75
CA VAL A 95 24.48 -26.79 -12.62
C VAL A 95 23.05 -27.28 -12.85
N ARG A 96 22.05 -26.50 -12.45
CA ARG A 96 20.67 -26.93 -12.65
C ARG A 96 20.29 -26.86 -14.13
N GLU A 97 20.76 -25.84 -14.84
CA GLU A 97 20.46 -25.72 -16.26
C GLU A 97 21.16 -26.80 -17.09
N GLU A 98 22.12 -27.52 -16.52
CA GLU A 98 22.74 -28.62 -17.23
C GLU A 98 21.83 -29.84 -17.31
N VAL A 99 20.83 -29.96 -16.44
CA VAL A 99 19.96 -31.13 -16.41
C VAL A 99 18.50 -30.79 -16.61
N ILE A 100 18.09 -29.53 -16.48
CA ILE A 100 16.71 -29.11 -16.73
C ILE A 100 16.74 -27.77 -17.45
N ASP A 101 15.56 -27.35 -17.93
CA ASP A 101 15.40 -26.09 -18.62
C ASP A 101 14.65 -25.11 -17.73
N PHE A 102 15.02 -23.83 -17.82
CA PHE A 102 14.38 -22.74 -17.10
C PHE A 102 13.80 -21.73 -18.08
N SER A 103 12.65 -21.17 -17.73
CA SER A 103 12.17 -20.00 -18.44
C SER A 103 13.03 -18.79 -18.08
N LYS A 104 12.79 -17.68 -18.77
CA LYS A 104 13.44 -16.44 -18.35
C LYS A 104 12.91 -16.05 -16.96
N PRO A 105 13.73 -15.37 -16.16
CA PRO A 105 13.34 -15.12 -14.78
C PRO A 105 12.05 -14.31 -14.67
N PHE A 106 11.16 -14.73 -13.78
CA PHE A 106 9.96 -13.97 -13.45
C PHE A 106 10.15 -13.12 -12.19
N MET A 107 11.29 -13.24 -11.51
CA MET A 107 11.56 -12.47 -10.31
C MET A 107 13.07 -12.52 -10.04
N SER A 108 13.59 -11.42 -9.50
CA SER A 108 15.01 -11.27 -9.23
C SER A 108 15.27 -11.33 -7.73
N LEU A 109 16.51 -11.63 -7.38
CA LEU A 109 16.91 -11.74 -5.98
C LEU A 109 18.43 -11.87 -5.93
N GLY A 110 18.95 -11.80 -4.70
CA GLY A 110 20.37 -12.02 -4.48
C GLY A 110 20.59 -12.70 -3.13
N ILE A 111 21.79 -13.21 -2.96
CA ILE A 111 22.18 -13.84 -1.69
C ILE A 111 22.50 -12.74 -0.69
N SER A 112 21.95 -12.86 0.51
CA SER A 112 22.08 -11.83 1.53
C SER A 112 22.36 -12.49 2.87
N ILE A 113 22.60 -11.66 3.88
CA ILE A 113 22.94 -12.11 5.22
C ILE A 113 21.79 -11.75 6.16
N MET A 114 21.29 -12.73 6.88
CA MET A 114 20.32 -12.51 7.95
C MET A 114 21.03 -12.62 9.29
N ILE A 115 20.76 -11.66 10.18
CA ILE A 115 21.30 -11.67 11.53
C ILE A 115 20.20 -11.28 12.50
N LYS A 116 20.37 -11.69 13.75
CA LYS A 116 19.54 -11.18 14.83
C LYS A 116 19.93 -9.75 15.15
N LYS A 117 18.93 -8.92 15.47
CA LYS A 117 19.20 -7.53 15.78
C LYS A 117 20.20 -7.41 16.92
N GLY A 118 21.24 -6.60 16.72
CA GLY A 118 22.28 -6.41 17.69
C GLY A 118 23.57 -7.14 17.39
N THR A 119 23.59 -7.98 16.36
CA THR A 119 24.81 -8.72 16.03
C THR A 119 25.81 -7.79 15.34
N PRO A 120 27.17 -7.80 15.80
CA PRO A 120 28.17 -6.91 15.18
C PRO A 120 28.67 -7.44 13.84
N ILE A 121 27.77 -7.46 12.86
CA ILE A 121 28.10 -7.86 11.49
C ILE A 121 27.41 -6.90 10.53
N GLU A 122 28.11 -6.55 9.46
CA GLU A 122 27.56 -5.65 8.45
C GLU A 122 27.78 -6.13 7.02
N SER A 123 28.72 -7.04 6.77
CA SER A 123 28.99 -7.50 5.41
C SER A 123 29.48 -8.94 5.46
N ALA A 124 29.60 -9.54 4.27
CA ALA A 124 30.16 -10.88 4.17
C ALA A 124 31.62 -10.89 4.57
N GLU A 125 32.36 -9.82 4.27
CA GLU A 125 33.76 -9.75 4.68
C GLU A 125 33.90 -9.84 6.18
N ASP A 126 33.00 -9.19 6.93
CA ASP A 126 33.03 -9.27 8.38
C ASP A 126 32.96 -10.72 8.85
N LEU A 127 32.00 -11.48 8.32
CA LEU A 127 31.85 -12.87 8.73
C LEU A 127 33.11 -13.67 8.42
N SER A 128 33.66 -13.52 7.22
CA SER A 128 34.82 -14.29 6.82
C SER A 128 36.06 -13.97 7.65
N LYS A 129 36.06 -12.87 8.40
CA LYS A 129 37.21 -12.45 9.19
C LYS A 129 37.15 -12.91 10.63
N GLN A 130 36.25 -13.84 10.95
CA GLN A 130 36.08 -14.27 12.33
C GLN A 130 35.35 -15.60 12.37
N THR A 131 35.26 -16.16 13.57
CA THR A 131 34.50 -17.39 13.82
C THR A 131 33.63 -17.31 15.06
N GLU A 132 33.75 -16.27 15.88
CA GLU A 132 32.88 -16.12 17.04
C GLU A 132 31.41 -16.20 16.64
N ILE A 133 31.05 -15.50 15.56
CA ILE A 133 29.70 -15.54 15.01
C ILE A 133 29.70 -16.56 13.88
N ALA A 134 29.10 -17.72 14.13
CA ALA A 134 29.02 -18.75 13.11
C ALA A 134 28.07 -18.32 11.99
N TYR A 135 28.21 -18.96 10.84
CA TYR A 135 27.35 -18.65 9.72
C TYR A 135 27.31 -19.84 8.76
N GLY A 136 26.13 -20.09 8.21
CA GLY A 136 25.94 -21.15 7.24
C GLY A 136 24.76 -20.87 6.35
N THR A 137 24.34 -21.89 5.63
CA THR A 137 23.23 -21.75 4.69
C THR A 137 22.52 -23.09 4.54
N LEU A 138 21.43 -23.08 3.78
CA LEU A 138 20.73 -24.31 3.43
C LEU A 138 21.66 -25.25 2.68
N ASP A 139 21.52 -26.55 2.95
CA ASP A 139 22.46 -27.52 2.39
C ASP A 139 22.08 -27.95 0.99
N SER A 140 20.79 -28.05 0.69
CA SER A 140 20.29 -28.64 -0.54
C SER A 140 19.73 -27.59 -1.50
N GLY A 141 20.36 -26.42 -1.56
CA GLY A 141 19.86 -25.32 -2.38
C GLY A 141 20.91 -24.69 -3.27
N SER A 142 20.55 -23.57 -3.89
CA SER A 142 21.45 -22.88 -4.81
C SER A 142 22.50 -22.05 -4.08
N THR A 143 22.24 -21.63 -2.85
CA THR A 143 23.24 -20.86 -2.11
C THR A 143 24.46 -21.71 -1.79
N LYS A 144 24.25 -22.99 -1.45
CA LYS A 144 25.39 -23.88 -1.24
C LYS A 144 26.19 -24.04 -2.52
N GLU A 145 25.50 -24.17 -3.66
CA GLU A 145 26.19 -24.25 -4.94
C GLU A 145 27.00 -22.99 -5.21
N PHE A 146 26.47 -21.83 -4.80
CA PHE A 146 27.17 -20.57 -5.05
C PHE A 146 28.51 -20.54 -4.32
N PHE A 147 28.50 -20.83 -3.02
CA PHE A 147 29.74 -20.80 -2.25
C PHE A 147 30.70 -21.91 -2.64
N ARG A 148 30.20 -23.02 -3.18
CA ARG A 148 31.07 -24.11 -3.62
C ARG A 148 31.75 -23.82 -4.95
N ARG A 149 31.11 -23.01 -5.80
CA ARG A 149 31.61 -22.74 -7.14
C ARG A 149 32.07 -21.31 -7.36
N SER A 150 32.01 -20.46 -6.34
CA SER A 150 32.41 -19.06 -6.51
C SER A 150 33.92 -18.95 -6.61
N LYS A 151 34.38 -18.15 -7.57
CA LYS A 151 35.80 -17.89 -7.76
C LYS A 151 36.29 -16.69 -6.98
N ILE A 152 35.39 -15.95 -6.32
CA ILE A 152 35.78 -14.78 -5.54
C ILE A 152 36.42 -15.23 -4.23
N ALA A 153 37.41 -14.47 -3.78
CA ALA A 153 38.26 -14.91 -2.68
C ALA A 153 37.48 -15.00 -1.38
N VAL A 154 36.76 -13.93 -1.01
CA VAL A 154 36.10 -13.89 0.29
C VAL A 154 35.05 -14.98 0.39
N PHE A 155 34.33 -15.25 -0.72
CA PHE A 155 33.31 -16.29 -0.69
C PHE A 155 33.93 -17.67 -0.56
N ASP A 156 35.07 -17.91 -1.23
CA ASP A 156 35.73 -19.19 -1.11
C ASP A 156 36.23 -19.42 0.32
N LYS A 157 36.61 -18.35 1.03
CA LYS A 157 37.02 -18.51 2.42
C LYS A 157 35.83 -18.86 3.30
N MET A 158 34.67 -18.24 3.03
CA MET A 158 33.46 -18.60 3.77
C MET A 158 33.08 -20.06 3.51
N TRP A 159 33.26 -20.53 2.27
CA TRP A 159 33.00 -21.93 1.96
C TRP A 159 33.96 -22.85 2.68
N THR A 160 35.25 -22.51 2.68
CA THR A 160 36.24 -23.31 3.41
C THR A 160 35.88 -23.39 4.88
N TYR A 161 35.38 -22.30 5.46
CA TYR A 161 34.99 -22.31 6.86
C TYR A 161 33.75 -23.17 7.08
N MET A 162 32.73 -23.00 6.23
CA MET A 162 31.45 -23.66 6.46
C MET A 162 31.60 -25.18 6.48
N ARG A 163 32.31 -25.74 5.49
CA ARG A 163 32.39 -27.19 5.37
C ARG A 163 33.36 -27.81 6.35
N SER A 164 34.00 -27.02 7.22
CA SER A 164 34.87 -27.56 8.26
C SER A 164 34.50 -27.06 9.65
N ALA A 165 33.44 -26.27 9.78
CA ALA A 165 33.05 -25.74 11.08
C ALA A 165 32.45 -26.84 11.96
N GLU A 166 32.48 -26.59 13.27
CA GLU A 166 31.93 -27.53 14.24
C GLU A 166 31.33 -26.77 15.43
N PRO A 167 30.07 -27.04 15.77
CA PRO A 167 29.13 -27.97 15.14
C PRO A 167 28.70 -27.51 13.74
N SER A 168 28.02 -28.39 13.00
CA SER A 168 27.64 -28.09 11.63
C SER A 168 26.91 -26.77 11.54
N VAL A 169 27.32 -25.94 10.58
CA VAL A 169 26.65 -24.66 10.34
C VAL A 169 25.59 -24.74 9.26
N PHE A 170 25.51 -25.86 8.54
CA PHE A 170 24.48 -26.02 7.52
C PHE A 170 23.14 -26.37 8.16
N VAL A 171 22.07 -26.10 7.41
CA VAL A 171 20.71 -26.41 7.83
C VAL A 171 20.01 -27.12 6.68
N ARG A 172 18.94 -27.83 7.03
CA ARG A 172 18.23 -28.67 6.07
C ARG A 172 16.94 -28.04 5.55
N THR A 173 16.46 -26.98 6.19
CA THR A 173 15.34 -26.21 5.67
C THR A 173 15.57 -24.74 5.97
N THR A 174 14.91 -23.88 5.20
CA THR A 174 15.03 -22.44 5.40
C THR A 174 14.45 -22.02 6.75
N ALA A 175 13.37 -22.68 7.18
CA ALA A 175 12.80 -22.38 8.49
C ALA A 175 13.79 -22.71 9.60
N GLU A 176 14.58 -23.78 9.42
CA GLU A 176 15.59 -24.12 10.42
C GLU A 176 16.65 -23.04 10.52
N GLY A 177 17.04 -22.47 9.38
CA GLY A 177 18.03 -21.40 9.39
C GLY A 177 17.53 -20.17 10.12
N VAL A 178 16.32 -19.72 9.78
CA VAL A 178 15.74 -18.56 10.45
C VAL A 178 15.61 -18.82 11.94
N ALA A 179 15.08 -19.98 12.30
CA ALA A 179 14.96 -20.33 13.72
C ALA A 179 16.32 -20.37 14.40
N ARG A 180 17.37 -20.77 13.67
CA ARG A 180 18.70 -20.82 14.25
C ARG A 180 19.24 -19.43 14.53
N VAL A 181 18.92 -18.45 13.69
CA VAL A 181 19.32 -17.08 13.96
C VAL A 181 18.61 -16.56 15.20
N ARG A 182 17.31 -16.82 15.31
CA ARG A 182 16.53 -16.26 16.41
C ARG A 182 16.83 -16.92 17.75
N LYS A 183 17.33 -18.15 17.76
CA LYS A 183 17.62 -18.86 19.00
C LYS A 183 19.08 -18.77 19.43
N SER A 184 19.99 -18.39 18.53
CA SER A 184 21.42 -18.39 18.83
C SER A 184 21.87 -17.14 19.56
N LYS A 185 20.95 -16.29 20.00
CA LYS A 185 21.30 -15.11 20.79
C LYS A 185 22.33 -14.24 20.09
N GLY A 186 22.32 -14.27 18.76
CA GLY A 186 23.20 -13.42 17.97
C GLY A 186 24.53 -14.05 17.58
N LYS A 187 24.67 -15.36 17.69
CA LYS A 187 25.91 -16.04 17.36
C LYS A 187 25.81 -16.87 16.09
N TYR A 188 24.75 -16.71 15.31
CA TYR A 188 24.61 -17.41 14.04
C TYR A 188 24.03 -16.45 12.99
N ALA A 189 24.71 -16.34 11.87
CA ALA A 189 24.23 -15.57 10.72
C ALA A 189 23.84 -16.53 9.60
N TYR A 190 22.64 -16.35 9.06
CA TYR A 190 22.08 -17.25 8.07
C TYR A 190 22.15 -16.61 6.70
N LEU A 191 22.86 -17.26 5.78
CA LEU A 191 22.96 -16.80 4.40
C LEU A 191 21.80 -17.35 3.59
N LEU A 192 20.94 -16.47 3.11
CA LEU A 192 19.75 -16.87 2.37
C LEU A 192 19.48 -15.84 1.29
N GLU A 193 18.43 -16.07 0.50
CA GLU A 193 18.10 -15.18 -0.59
C GLU A 193 17.33 -13.95 -0.07
N SER A 194 17.59 -12.82 -0.72
CA SER A 194 17.08 -11.54 -0.23
C SER A 194 15.57 -11.51 -0.15
N THR A 195 14.89 -12.24 -1.04
CA THR A 195 13.43 -12.26 -1.01
C THR A 195 12.92 -12.73 0.35
N MET A 196 13.45 -13.85 0.84
CA MET A 196 13.02 -14.35 2.15
C MET A 196 13.61 -13.51 3.29
N ASN A 197 14.83 -13.00 3.11
CA ASN A 197 15.46 -12.20 4.15
C ASN A 197 14.66 -10.93 4.42
N GLU A 198 14.29 -10.20 3.36
CA GLU A 198 13.51 -8.98 3.53
C GLU A 198 12.08 -9.27 3.96
N TYR A 199 11.52 -10.40 3.53
CA TYR A 199 10.15 -10.76 3.93
C TYR A 199 10.10 -11.11 5.41
N ILE A 200 11.04 -11.94 5.88
CA ILE A 200 11.09 -12.27 7.31
C ILE A 200 11.40 -11.04 8.13
N GLU A 201 12.13 -10.08 7.56
CA GLU A 201 12.51 -8.89 8.31
C GLU A 201 11.29 -8.08 8.72
N GLN A 202 10.25 -8.06 7.89
CA GLN A 202 9.05 -7.29 8.15
C GLN A 202 7.94 -8.13 8.78
N ARG A 203 8.31 -9.15 9.55
CA ARG A 203 7.35 -10.01 10.22
C ARG A 203 7.80 -10.25 11.65
N LYS A 204 6.83 -10.24 12.57
CA LYS A 204 7.14 -10.48 13.98
C LYS A 204 7.70 -11.90 14.12
N PRO A 205 8.53 -12.14 15.16
CA PRO A 205 8.91 -11.30 16.30
C PRO A 205 9.74 -10.04 15.98
N CYS A 206 10.10 -9.83 14.72
CA CYS A 206 10.83 -8.62 14.31
C CYS A 206 12.22 -8.56 14.92
N ASP A 207 12.85 -9.72 15.09
CA ASP A 207 14.16 -9.81 15.74
C ASP A 207 15.28 -10.12 14.76
N THR A 208 15.01 -10.04 13.46
CA THR A 208 16.01 -10.28 12.43
C THR A 208 16.11 -9.07 11.52
N MET A 209 17.19 -9.01 10.75
CA MET A 209 17.38 -7.94 9.78
C MET A 209 18.38 -8.37 8.74
N LYS A 210 18.34 -7.69 7.60
CA LYS A 210 19.27 -7.91 6.49
C LYS A 210 20.39 -6.88 6.57
N VAL A 211 21.63 -7.35 6.50
CA VAL A 211 22.81 -6.49 6.57
C VAL A 211 23.57 -6.57 5.25
N GLY A 212 24.10 -5.42 4.82
CA GLY A 212 24.91 -5.36 3.62
C GLY A 212 24.11 -5.55 2.36
N GLY A 213 24.75 -5.33 1.21
CA GLY A 213 24.13 -5.59 -0.07
C GLY A 213 24.10 -7.06 -0.38
N ASN A 214 23.55 -7.39 -1.55
CA ASN A 214 23.46 -8.77 -1.98
C ASN A 214 24.82 -9.26 -2.48
N LEU A 215 25.14 -10.50 -2.15
CA LEU A 215 26.41 -11.09 -2.57
C LEU A 215 26.42 -11.41 -4.06
N ASP A 216 25.26 -11.47 -4.70
CA ASP A 216 25.18 -11.80 -6.13
C ASP A 216 23.82 -11.32 -6.64
N SER A 217 23.54 -11.64 -7.90
CA SER A 217 22.30 -11.24 -8.56
C SER A 217 21.84 -12.39 -9.44
N LYS A 218 20.60 -12.80 -9.28
CA LYS A 218 20.06 -13.97 -9.97
C LYS A 218 18.54 -13.83 -10.02
N GLY A 219 17.86 -14.88 -10.50
CA GLY A 219 16.42 -14.83 -10.61
C GLY A 219 15.80 -16.19 -10.44
N TYR A 220 14.50 -16.18 -10.14
CA TYR A 220 13.69 -17.39 -10.11
C TYR A 220 13.13 -17.65 -11.50
N GLY A 221 13.17 -18.91 -11.91
CA GLY A 221 12.61 -19.31 -13.19
C GLY A 221 11.75 -20.55 -13.06
N ILE A 222 10.84 -20.69 -14.01
CA ILE A 222 10.01 -21.88 -14.09
C ILE A 222 10.78 -22.98 -14.80
N ALA A 223 10.85 -24.15 -14.17
CA ALA A 223 11.68 -25.24 -14.65
C ALA A 223 10.85 -26.33 -15.30
N THR A 224 11.37 -26.92 -16.36
CA THR A 224 10.79 -28.07 -17.02
C THR A 224 11.92 -29.05 -17.34
N PRO A 225 11.61 -30.33 -17.48
CA PRO A 225 12.65 -31.29 -17.87
C PRO A 225 13.06 -31.10 -19.32
N LYS A 226 14.33 -31.37 -19.58
CA LYS A 226 14.84 -31.24 -20.94
C LYS A 226 14.05 -32.12 -21.90
N GLY A 227 13.78 -31.58 -23.09
CA GLY A 227 12.97 -32.27 -24.07
C GLY A 227 11.48 -32.16 -23.86
N SER A 228 11.04 -31.45 -22.83
CA SER A 228 9.61 -31.29 -22.59
C SER A 228 8.99 -30.42 -23.68
N SER A 229 7.77 -30.78 -24.08
CA SER A 229 7.04 -29.99 -25.07
C SER A 229 6.45 -28.73 -24.48
N LEU A 230 6.50 -28.55 -23.16
CA LEU A 230 6.00 -27.34 -22.52
C LEU A 230 7.05 -26.24 -22.42
N GLY A 231 8.32 -26.58 -22.59
CA GLY A 231 9.41 -25.64 -22.38
C GLY A 231 9.25 -24.32 -23.12
N ASN A 232 9.18 -24.39 -24.45
CA ASN A 232 9.12 -23.18 -25.24
C ASN A 232 7.87 -22.36 -24.90
N ALA A 233 6.72 -23.02 -24.78
CA ALA A 233 5.48 -22.31 -24.52
C ALA A 233 5.51 -21.63 -23.15
N VAL A 234 6.02 -22.33 -22.13
CA VAL A 234 6.09 -21.75 -20.79
C VAL A 234 6.98 -20.52 -20.79
N ASN A 235 8.10 -20.57 -21.51
CA ASN A 235 9.01 -19.43 -21.57
C ASN A 235 8.32 -18.22 -22.19
N LEU A 236 7.58 -18.42 -23.29
CA LEU A 236 6.88 -17.30 -23.89
C LEU A 236 5.77 -16.78 -22.98
N ALA A 237 5.14 -17.66 -22.20
CA ALA A 237 4.10 -17.23 -21.28
C ALA A 237 4.65 -16.29 -20.21
N VAL A 238 5.82 -16.62 -19.65
CA VAL A 238 6.43 -15.74 -18.65
C VAL A 238 6.71 -14.37 -19.25
N LEU A 239 7.30 -14.34 -20.44
CA LEU A 239 7.60 -13.06 -21.09
C LEU A 239 6.31 -12.28 -21.37
N LYS A 240 5.25 -12.98 -21.79
CA LYS A 240 3.96 -12.33 -21.99
C LYS A 240 3.45 -11.72 -20.68
N LEU A 241 3.34 -12.54 -19.63
CA LEU A 241 2.83 -12.05 -18.36
C LEU A 241 3.63 -10.87 -17.86
N ASN A 242 4.95 -10.88 -18.08
CA ASN A 242 5.78 -9.74 -17.70
C ASN A 242 5.44 -8.52 -18.54
N GLU A 243 5.32 -8.69 -19.86
CA GLU A 243 5.01 -7.58 -20.74
C GLU A 243 3.69 -6.92 -20.36
N GLN A 244 2.68 -7.73 -20.03
CA GLN A 244 1.35 -7.21 -19.68
C GLN A 244 1.31 -6.63 -18.26
N GLY A 245 2.38 -6.76 -17.50
CA GLY A 245 2.40 -6.23 -16.15
C GLY A 245 1.76 -7.11 -15.10
N LEU A 246 1.45 -8.36 -15.44
CA LEU A 246 0.76 -9.21 -14.47
C LEU A 246 1.69 -9.70 -13.36
N LEU A 247 2.97 -9.89 -13.68
CA LEU A 247 3.92 -10.31 -12.64
C LEU A 247 4.05 -9.24 -11.56
N ASP A 248 4.06 -7.96 -11.96
CA ASP A 248 4.07 -6.88 -10.98
C ASP A 248 2.76 -6.86 -10.20
N LYS A 249 1.64 -7.19 -10.86
CA LYS A 249 0.36 -7.25 -10.16
C LYS A 249 0.36 -8.33 -9.10
N LEU A 250 0.88 -9.52 -9.43
CA LEU A 250 0.94 -10.61 -8.46
C LEU A 250 1.86 -10.26 -7.29
N LYS A 251 3.00 -9.62 -7.58
CA LYS A 251 3.90 -9.19 -6.51
C LYS A 251 3.18 -8.29 -5.53
N ASN A 252 2.58 -7.20 -6.02
CA ASN A 252 1.86 -6.29 -5.15
C ASN A 252 0.74 -7.00 -4.40
N LYS A 253 0.06 -7.93 -5.07
CA LYS A 253 -1.05 -8.64 -4.43
C LYS A 253 -0.59 -9.42 -3.22
N TRP A 254 0.54 -10.12 -3.32
CA TRP A 254 0.97 -11.03 -2.28
C TRP A 254 2.06 -10.46 -1.37
N TRP A 255 2.57 -9.28 -1.68
CA TRP A 255 3.53 -8.60 -0.80
C TRP A 255 2.90 -7.34 -0.22
N GLU A 260 4.90 -4.96 9.05
CA GLU A 260 4.36 -5.58 10.25
C GLU A 260 5.32 -5.44 11.42
N CYS A 261 6.34 -4.59 11.25
CA CYS A 261 7.34 -4.38 12.29
C CYS A 261 7.63 -2.89 12.45
N THR B 5 -35.07 -13.85 9.61
CA THR B 5 -35.07 -12.98 10.78
C THR B 5 -33.63 -12.66 11.20
N VAL B 6 -33.36 -11.38 11.38
CA VAL B 6 -32.03 -10.91 11.76
C VAL B 6 -31.92 -10.93 13.28
N VAL B 7 -30.84 -11.53 13.79
CA VAL B 7 -30.60 -11.59 15.23
C VAL B 7 -29.73 -10.40 15.61
N VAL B 8 -30.30 -9.48 16.38
CA VAL B 8 -29.59 -8.31 16.89
C VAL B 8 -29.11 -8.61 18.29
N THR B 9 -27.80 -8.47 18.52
CA THR B 9 -27.23 -8.58 19.85
C THR B 9 -27.01 -7.17 20.40
N THR B 10 -27.39 -6.97 21.66
CA THR B 10 -27.19 -5.70 22.33
C THR B 10 -26.87 -5.98 23.79
N ILE B 11 -26.73 -4.93 24.58
CA ILE B 11 -26.33 -5.04 25.97
C ILE B 11 -27.26 -4.18 26.81
N LEU B 12 -27.57 -4.66 28.01
CA LEU B 12 -28.55 -4.00 28.89
C LEU B 12 -27.85 -2.87 29.63
N GLU B 13 -27.94 -1.67 29.05
CA GLU B 13 -27.30 -0.47 29.60
C GLU B 13 -28.23 0.71 29.36
N SER B 14 -28.64 1.36 30.44
CA SER B 14 -29.52 2.53 30.34
C SER B 14 -28.72 3.76 29.89
N PRO B 15 -29.31 4.61 29.03
CA PRO B 15 -30.64 4.55 28.40
C PRO B 15 -30.63 3.94 27.01
N TYR B 16 -29.61 3.15 26.69
CA TYR B 16 -29.53 2.51 25.38
C TYR B 16 -30.51 1.35 25.27
N VAL B 17 -30.50 0.45 26.24
CA VAL B 17 -31.45 -0.65 26.30
C VAL B 17 -31.83 -0.88 27.76
N MET B 18 -33.13 -0.92 28.04
CA MET B 18 -33.59 -1.17 29.38
C MET B 18 -34.97 -1.84 29.34
N MET B 19 -35.30 -2.52 30.43
CA MET B 19 -36.56 -3.24 30.49
C MET B 19 -37.71 -2.25 30.63
N LYS B 20 -38.73 -2.43 29.80
CA LYS B 20 -39.94 -1.62 29.91
C LYS B 20 -40.61 -1.85 31.27
N LYS B 21 -41.42 -0.87 31.68
CA LYS B 21 -42.30 -1.08 32.81
C LYS B 21 -43.23 -2.25 32.53
N ASN B 22 -43.36 -3.15 33.50
CA ASN B 22 -44.23 -4.32 33.36
C ASN B 22 -43.70 -5.31 32.34
N HIS B 23 -42.37 -5.34 32.15
CA HIS B 23 -41.77 -6.18 31.11
C HIS B 23 -42.03 -7.66 31.35
N GLU B 24 -42.24 -8.06 32.61
CA GLU B 24 -42.49 -9.47 32.90
C GLU B 24 -43.73 -9.98 32.17
N MET B 25 -44.67 -9.10 31.86
CA MET B 25 -45.89 -9.46 31.16
C MET B 25 -45.79 -9.28 29.64
N LEU B 26 -44.62 -8.89 29.12
CA LEU B 26 -44.44 -8.64 27.71
C LEU B 26 -43.54 -9.71 27.09
N GLU B 27 -43.60 -9.81 25.76
CA GLU B 27 -42.91 -10.86 25.03
C GLU B 27 -42.03 -10.25 23.94
N GLY B 28 -40.92 -10.93 23.67
CA GLY B 28 -40.10 -10.60 22.51
C GLY B 28 -39.53 -9.20 22.59
N ASN B 29 -39.53 -8.53 21.42
CA ASN B 29 -38.91 -7.22 21.30
C ASN B 29 -39.62 -6.16 22.15
N GLU B 30 -40.88 -6.40 22.52
CA GLU B 30 -41.63 -5.40 23.27
C GLU B 30 -41.19 -5.30 24.73
N ARG B 31 -40.33 -6.20 25.20
CA ARG B 31 -39.83 -6.11 26.57
C ARG B 31 -38.82 -4.99 26.75
N TYR B 32 -38.26 -4.45 25.67
CA TYR B 32 -37.13 -3.53 25.76
C TYR B 32 -37.52 -2.17 25.20
N GLU B 33 -36.85 -1.14 25.72
CA GLU B 33 -36.97 0.22 25.21
C GLU B 33 -35.64 0.92 25.38
N GLY B 34 -35.48 2.02 24.67
CA GLY B 34 -34.27 2.82 24.78
C GLY B 34 -33.75 3.34 23.45
N TYR B 35 -32.64 4.09 23.52
CA TYR B 35 -32.05 4.68 22.34
C TYR B 35 -31.74 3.62 21.28
N CYS B 36 -31.14 2.50 21.69
CA CYS B 36 -30.76 1.46 20.75
C CYS B 36 -31.97 0.66 20.26
N VAL B 37 -32.99 0.52 21.10
CA VAL B 37 -34.20 -0.17 20.67
C VAL B 37 -34.87 0.60 19.54
N ASP B 38 -35.02 1.92 19.71
CA ASP B 38 -35.57 2.74 18.64
C ASP B 38 -34.66 2.75 17.43
N LEU B 39 -33.34 2.83 17.65
CA LEU B 39 -32.40 2.84 16.53
C LEU B 39 -32.49 1.53 15.74
N ALA B 40 -32.65 0.41 16.43
CA ALA B 40 -32.77 -0.87 15.74
C ALA B 40 -34.01 -0.89 14.84
N ALA B 41 -35.14 -0.38 15.34
CA ALA B 41 -36.36 -0.36 14.55
C ALA B 41 -36.20 0.53 13.32
N GLU B 42 -35.45 1.62 13.45
CA GLU B 42 -35.25 2.53 12.33
C GLU B 42 -34.28 1.94 11.31
N ILE B 43 -33.21 1.31 11.78
CA ILE B 43 -32.30 0.62 10.86
C ILE B 43 -33.03 -0.51 10.14
N ALA B 44 -33.85 -1.26 10.88
CA ALA B 44 -34.57 -2.37 10.26
C ALA B 44 -35.57 -1.87 9.23
N LYS B 45 -36.20 -0.72 9.49
CA LYS B 45 -37.16 -0.17 8.54
C LYS B 45 -36.49 0.23 7.24
N HIS B 46 -35.35 0.91 7.31
CA HIS B 46 -34.71 1.41 6.10
C HIS B 46 -34.03 0.30 5.30
N CYS B 47 -33.55 -0.74 5.98
CA CYS B 47 -32.96 -1.88 5.29
C CYS B 47 -33.97 -2.98 4.99
N GLY B 48 -35.19 -2.86 5.50
CA GLY B 48 -36.26 -3.80 5.17
C GLY B 48 -36.00 -5.22 5.62
N PHE B 49 -35.82 -5.43 6.93
CA PHE B 49 -35.71 -6.77 7.47
C PHE B 49 -36.41 -6.83 8.82
N LYS B 50 -36.84 -8.04 9.18
CA LYS B 50 -37.37 -8.30 10.51
C LYS B 50 -36.25 -8.78 11.41
N TYR B 51 -36.37 -8.48 12.70
CA TYR B 51 -35.25 -8.70 13.61
C TYR B 51 -35.76 -9.16 14.98
N LYS B 52 -34.86 -9.82 15.70
CA LYS B 52 -35.09 -10.27 17.06
C LYS B 52 -34.02 -9.66 17.95
N LEU B 53 -34.45 -8.91 18.97
CA LEU B 53 -33.53 -8.34 19.93
C LEU B 53 -33.13 -9.40 20.96
N THR B 54 -31.82 -9.57 21.14
CA THR B 54 -31.29 -10.50 22.13
C THR B 54 -30.19 -9.80 22.92
N ILE B 55 -30.16 -10.06 24.23
CA ILE B 55 -29.12 -9.53 25.10
C ILE B 55 -27.92 -10.47 25.04
N VAL B 56 -26.73 -9.90 24.86
CA VAL B 56 -25.53 -10.70 24.71
C VAL B 56 -25.44 -11.72 25.83
N GLY B 57 -25.07 -12.95 25.47
CA GLY B 57 -25.11 -14.05 26.43
C GLY B 57 -24.25 -13.79 27.65
N ASP B 58 -22.98 -13.47 27.44
CA ASP B 58 -22.03 -13.32 28.55
C ASP B 58 -22.01 -11.90 29.12
N GLY B 59 -22.90 -11.03 28.66
CA GLY B 59 -22.98 -9.69 29.22
C GLY B 59 -21.75 -8.83 29.00
N LYS B 60 -20.94 -9.14 28.00
CA LYS B 60 -19.70 -8.43 27.73
C LYS B 60 -19.78 -7.68 26.41
N TYR B 61 -18.97 -6.61 26.31
CA TYR B 61 -18.87 -5.85 25.08
C TYR B 61 -18.02 -6.59 24.05
N GLY B 62 -16.81 -6.98 24.42
CA GLY B 62 -15.96 -7.73 23.53
C GLY B 62 -14.48 -7.58 23.83
N ALA B 63 -13.82 -8.71 24.10
CA ALA B 63 -12.39 -8.73 24.36
C ALA B 63 -11.79 -9.96 23.72
N ARG B 64 -10.47 -9.91 23.54
CA ARG B 64 -9.72 -10.93 22.81
C ARG B 64 -8.70 -11.56 23.74
N ASP B 65 -8.71 -12.89 23.82
CA ASP B 65 -7.75 -13.62 24.63
C ASP B 65 -6.41 -13.64 23.91
N ALA B 66 -5.35 -13.16 24.59
CA ALA B 66 -4.04 -13.04 23.94
C ALA B 66 -3.51 -14.39 23.50
N ASP B 67 -3.74 -15.43 24.30
CA ASP B 67 -3.19 -16.75 23.99
C ASP B 67 -3.96 -17.43 22.85
N THR B 68 -5.29 -17.48 22.93
CA THR B 68 -6.09 -18.25 22.00
C THR B 68 -6.65 -17.41 20.85
N LYS B 69 -6.68 -16.09 20.98
CA LYS B 69 -7.28 -15.18 20.02
C LYS B 69 -8.81 -15.27 19.98
N ILE B 70 -9.42 -15.96 20.94
CA ILE B 70 -10.87 -16.09 20.99
C ILE B 70 -11.49 -14.79 21.48
N TRP B 71 -12.58 -14.38 20.85
CA TRP B 71 -13.32 -13.19 21.23
C TRP B 71 -14.55 -13.58 22.04
N ASN B 72 -14.99 -12.67 22.92
CA ASN B 72 -16.21 -12.86 23.67
C ASN B 72 -17.12 -11.65 23.53
N GLY B 73 -18.16 -11.56 24.34
CA GLY B 73 -19.05 -10.42 24.27
C GLY B 73 -19.79 -10.35 22.95
N MET B 74 -20.22 -9.12 22.62
CA MET B 74 -20.95 -8.91 21.37
C MET B 74 -20.05 -9.13 20.16
N VAL B 75 -18.78 -8.74 20.26
CA VAL B 75 -17.83 -8.99 19.18
C VAL B 75 -17.80 -10.49 18.85
N GLY B 76 -17.58 -11.32 19.86
CA GLY B 76 -17.51 -12.76 19.63
C GLY B 76 -18.77 -13.31 19.01
N GLU B 77 -19.94 -12.78 19.40
CA GLU B 77 -21.19 -13.29 18.86
C GLU B 77 -21.31 -13.00 17.36
N LEU B 78 -20.69 -11.92 16.88
CA LEU B 78 -20.66 -11.66 15.45
C LEU B 78 -19.61 -12.53 14.76
N VAL B 79 -18.43 -12.67 15.36
CA VAL B 79 -17.35 -13.43 14.74
C VAL B 79 -17.72 -14.91 14.59
N TYR B 80 -18.47 -15.47 15.54
CA TYR B 80 -18.76 -16.89 15.56
C TYR B 80 -20.19 -17.22 15.14
N GLY B 81 -20.88 -16.27 14.51
CA GLY B 81 -22.16 -16.55 13.89
C GLY B 81 -23.35 -16.62 14.81
N LYS B 82 -23.21 -16.19 16.07
CA LYS B 82 -24.34 -16.22 16.98
C LYS B 82 -25.30 -15.05 16.76
N ALA B 83 -24.84 -13.99 16.10
CA ALA B 83 -25.69 -12.84 15.82
C ALA B 83 -25.30 -12.27 14.47
N ASP B 84 -26.24 -11.55 13.86
CA ASP B 84 -26.01 -10.94 12.56
C ASP B 84 -25.62 -9.47 12.65
N ILE B 85 -25.94 -8.80 13.76
CA ILE B 85 -25.67 -7.37 13.88
C ILE B 85 -25.70 -7.02 15.36
N ALA B 86 -24.85 -6.07 15.76
CA ALA B 86 -24.81 -5.59 17.14
C ALA B 86 -25.20 -4.12 17.14
N ILE B 87 -26.26 -3.80 17.86
CA ILE B 87 -26.76 -2.44 17.98
C ILE B 87 -26.67 -2.07 19.46
N ALA B 88 -25.59 -1.39 19.82
CA ALA B 88 -25.27 -1.11 21.20
C ALA B 88 -24.21 -0.02 21.25
N PRO B 89 -23.93 0.56 22.44
CA PRO B 89 -22.77 1.47 22.53
C PRO B 89 -21.45 0.72 22.41
N LEU B 90 -21.22 0.14 21.23
CA LEU B 90 -20.02 -0.65 20.97
C LEU B 90 -18.95 0.26 20.37
N THR B 91 -17.82 0.37 21.06
CA THR B 91 -16.78 1.32 20.68
C THR B 91 -16.01 0.82 19.47
N ILE B 92 -15.84 1.69 18.47
CA ILE B 92 -15.00 1.38 17.32
C ILE B 92 -13.55 1.40 17.75
N THR B 93 -12.82 0.34 17.44
CA THR B 93 -11.38 0.28 17.72
C THR B 93 -10.67 -0.44 16.59
N LEU B 94 -9.36 -0.18 16.50
CA LEU B 94 -8.55 -0.80 15.46
C LEU B 94 -8.63 -2.33 15.53
N VAL B 95 -8.39 -2.90 16.71
CA VAL B 95 -8.34 -4.36 16.84
C VAL B 95 -9.68 -4.97 16.49
N ARG B 96 -10.78 -4.33 16.90
CA ARG B 96 -12.10 -4.85 16.57
C ARG B 96 -12.38 -4.77 15.08
N GLU B 97 -11.95 -3.67 14.44
CA GLU B 97 -12.17 -3.51 13.00
C GLU B 97 -11.48 -4.58 12.18
N GLU B 98 -10.54 -5.33 12.78
CA GLU B 98 -9.88 -6.38 12.05
C GLU B 98 -10.66 -7.70 12.02
N VAL B 99 -11.76 -7.82 12.76
CA VAL B 99 -12.49 -9.09 12.78
C VAL B 99 -13.97 -8.84 12.51
N ILE B 100 -14.40 -7.58 12.63
CA ILE B 100 -15.78 -7.20 12.36
C ILE B 100 -15.80 -5.85 11.66
N ASP B 101 -16.95 -5.54 11.05
CA ASP B 101 -17.17 -4.28 10.36
C ASP B 101 -18.01 -3.35 11.22
N PHE B 102 -17.65 -2.07 11.19
CA PHE B 102 -18.39 -1.01 11.88
C PHE B 102 -18.96 -0.04 10.85
N SER B 103 -20.15 0.48 11.13
CA SER B 103 -20.65 1.61 10.38
C SER B 103 -19.90 2.88 10.77
N LYS B 104 -20.25 3.99 10.14
CA LYS B 104 -19.76 5.27 10.61
C LYS B 104 -20.34 5.55 11.99
N PRO B 105 -19.61 6.25 12.85
CA PRO B 105 -20.08 6.42 14.24
C PRO B 105 -21.38 7.19 14.31
N PHE B 106 -22.26 6.74 15.21
CA PHE B 106 -23.52 7.44 15.48
C PHE B 106 -23.48 8.23 16.79
N MET B 107 -22.40 8.12 17.56
CA MET B 107 -22.26 8.85 18.81
C MET B 107 -20.79 8.91 19.17
N SER B 108 -20.38 10.02 19.78
CA SER B 108 -19.00 10.25 20.16
C SER B 108 -18.82 10.06 21.67
N LEU B 109 -17.59 9.75 22.06
CA LEU B 109 -17.27 9.57 23.48
C LEU B 109 -15.76 9.60 23.65
N GLY B 110 -15.34 9.64 24.91
CA GLY B 110 -13.93 9.52 25.25
C GLY B 110 -13.79 8.88 26.61
N ILE B 111 -12.63 8.26 26.84
CA ILE B 111 -12.35 7.69 28.14
C ILE B 111 -12.25 8.81 29.18
N SER B 112 -12.85 8.59 30.35
CA SER B 112 -12.90 9.60 31.39
C SER B 112 -12.74 8.93 32.74
N ILE B 113 -12.77 9.75 33.79
CA ILE B 113 -12.52 9.31 35.17
C ILE B 113 -13.73 9.67 36.01
N MET B 114 -14.25 8.69 36.75
CA MET B 114 -15.33 8.88 37.70
C MET B 114 -14.79 8.72 39.11
N ILE B 115 -15.12 9.67 40.00
CA ILE B 115 -14.77 9.59 41.40
C ILE B 115 -16.04 9.80 42.23
N LYS B 116 -15.96 9.42 43.49
CA LYS B 116 -17.03 9.72 44.44
C LYS B 116 -17.03 11.21 44.75
N LYS B 117 -18.22 11.82 44.75
CA LYS B 117 -18.32 13.24 45.03
C LYS B 117 -17.82 13.53 46.45
N GLY B 118 -16.91 14.50 46.54
CA GLY B 118 -16.18 14.76 47.77
C GLY B 118 -14.76 14.26 47.75
N THR B 119 -14.46 13.26 46.93
CA THR B 119 -13.10 12.79 46.77
C THR B 119 -12.22 13.91 46.21
N PRO B 120 -10.96 13.98 46.60
CA PRO B 120 -10.04 14.94 45.97
C PRO B 120 -9.98 14.70 44.47
N ILE B 121 -10.08 15.79 43.70
CA ILE B 121 -10.15 15.67 42.24
C ILE B 121 -8.79 15.23 41.71
N GLU B 122 -8.82 14.35 40.71
CA GLU B 122 -7.61 13.77 40.14
C GLU B 122 -7.74 13.69 38.62
N SER B 123 -6.63 13.90 37.94
CA SER B 123 -6.54 13.66 36.50
C SER B 123 -5.80 12.35 36.25
N ALA B 124 -5.85 11.89 34.98
CA ALA B 124 -5.12 10.69 34.62
C ALA B 124 -3.63 10.84 34.92
N GLU B 125 -3.09 12.05 34.71
CA GLU B 125 -1.70 12.31 35.06
C GLU B 125 -1.49 12.21 36.57
N ASP B 126 -2.43 12.77 37.35
CA ASP B 126 -2.29 12.73 38.80
C ASP B 126 -2.42 11.31 39.33
N LEU B 127 -3.40 10.55 38.84
CA LEU B 127 -3.61 9.18 39.31
C LEU B 127 -2.34 8.36 39.19
N SER B 128 -1.63 8.49 38.06
CA SER B 128 -0.41 7.73 37.83
C SER B 128 0.75 8.17 38.70
N LYS B 129 0.61 9.27 39.44
CA LYS B 129 1.69 9.83 40.25
C LYS B 129 1.36 9.77 41.74
N GLN B 130 0.38 8.97 42.15
CA GLN B 130 -0.05 8.91 43.54
C GLN B 130 -0.34 7.46 43.91
N THR B 131 -0.39 7.21 45.22
CA THR B 131 -0.68 5.88 45.75
C THR B 131 -1.80 5.90 46.78
N GLU B 132 -2.53 7.01 46.89
CA GLU B 132 -3.62 7.09 47.86
C GLU B 132 -4.91 6.48 47.32
N ILE B 133 -5.12 6.57 46.00
CA ILE B 133 -6.39 6.20 45.38
C ILE B 133 -6.12 5.13 44.35
N ALA B 134 -6.77 3.97 44.52
CA ALA B 134 -6.71 2.92 43.51
C ALA B 134 -7.60 3.29 42.32
N TYR B 135 -7.33 2.67 41.18
CA TYR B 135 -8.13 2.94 40.00
C TYR B 135 -8.04 1.77 39.03
N GLY B 136 -9.09 1.60 38.25
CA GLY B 136 -9.15 0.52 37.29
C GLY B 136 -10.25 0.75 36.28
N THR B 137 -10.55 -0.31 35.53
CA THR B 137 -11.49 -0.21 34.42
C THR B 137 -12.17 -1.55 34.20
N LEU B 138 -13.13 -1.56 33.28
CA LEU B 138 -13.76 -2.79 32.82
C LEU B 138 -12.72 -3.67 32.15
N ASP B 139 -12.76 -4.96 32.47
CA ASP B 139 -11.71 -5.88 32.00
C ASP B 139 -11.92 -6.35 30.57
N SER B 140 -13.14 -6.31 30.07
CA SER B 140 -13.49 -6.93 28.80
C SER B 140 -14.07 -5.93 27.81
N GLY B 141 -13.54 -4.70 27.81
CA GLY B 141 -14.03 -3.68 26.90
C GLY B 141 -12.92 -2.99 26.12
N SER B 142 -13.28 -1.89 25.45
CA SER B 142 -12.31 -1.17 24.64
C SER B 142 -11.32 -0.38 25.49
N THR B 143 -11.70 0.00 26.71
CA THR B 143 -10.79 0.75 27.56
C THR B 143 -9.61 -0.10 27.99
N LYS B 144 -9.87 -1.35 28.39
CA LYS B 144 -8.77 -2.27 28.68
C LYS B 144 -7.85 -2.40 27.47
N GLU B 145 -8.43 -2.56 26.28
CA GLU B 145 -7.61 -2.63 25.07
C GLU B 145 -6.78 -1.37 24.88
N PHE B 146 -7.36 -0.20 25.17
CA PHE B 146 -6.63 1.04 25.00
C PHE B 146 -5.39 1.08 25.88
N PHE B 147 -5.55 0.80 27.18
CA PHE B 147 -4.41 0.84 28.09
C PHE B 147 -3.43 -0.28 27.81
N ARG B 148 -3.92 -1.45 27.42
CA ARG B 148 -3.03 -2.57 27.10
C ARG B 148 -2.11 -2.23 25.93
N ARG B 149 -2.65 -1.58 24.90
CA ARG B 149 -1.89 -1.35 23.68
C ARG B 149 -1.14 -0.02 23.66
N SER B 150 -1.50 0.91 24.53
CA SER B 150 -0.96 2.26 24.44
C SER B 150 0.54 2.29 24.71
N LYS B 151 1.27 2.97 23.84
CA LYS B 151 2.67 3.29 24.08
C LYS B 151 2.87 4.68 24.65
N ILE B 152 1.79 5.39 24.93
CA ILE B 152 1.88 6.70 25.59
C ILE B 152 2.35 6.48 27.03
N ALA B 153 3.37 7.23 27.44
CA ALA B 153 4.06 6.95 28.70
C ALA B 153 3.10 6.88 29.88
N VAL B 154 2.27 7.90 30.05
CA VAL B 154 1.38 7.94 31.21
C VAL B 154 0.40 6.76 31.18
N PHE B 155 -0.12 6.43 30.00
CA PHE B 155 -1.13 5.37 29.93
C PHE B 155 -0.49 4.00 30.12
N ASP B 156 0.71 3.80 29.58
CA ASP B 156 1.41 2.54 29.80
C ASP B 156 1.74 2.34 31.27
N LYS B 157 2.11 3.43 31.95
CA LYS B 157 2.37 3.32 33.39
C LYS B 157 1.11 2.95 34.16
N MET B 158 -0.03 3.52 33.77
CA MET B 158 -1.30 3.15 34.40
C MET B 158 -1.64 1.69 34.13
N TRP B 159 -1.36 1.22 32.91
CA TRP B 159 -1.62 -0.18 32.61
C TRP B 159 -0.74 -1.10 33.45
N THR B 160 0.52 -0.72 33.63
CA THR B 160 1.43 -1.51 34.45
C THR B 160 0.95 -1.60 35.89
N TYR B 161 0.47 -0.48 36.44
CA TYR B 161 -0.06 -0.51 37.80
C TYR B 161 -1.31 -1.37 37.89
N MET B 162 -2.20 -1.27 36.90
CA MET B 162 -3.52 -1.89 37.02
C MET B 162 -3.42 -3.40 37.05
N ARG B 163 -2.67 -4.00 36.12
CA ARG B 163 -2.71 -5.44 35.97
C ARG B 163 -2.01 -6.18 37.11
N SER B 164 -1.22 -5.49 37.93
CA SER B 164 -0.54 -6.13 39.05
C SER B 164 -1.05 -5.66 40.41
N ALA B 165 -2.03 -4.76 40.45
CA ALA B 165 -2.58 -4.34 41.73
C ALA B 165 -3.29 -5.51 42.40
N GLU B 166 -3.17 -5.55 43.73
CA GLU B 166 -3.86 -6.57 44.53
C GLU B 166 -4.47 -5.89 45.76
N PRO B 167 -5.78 -6.07 45.98
CA PRO B 167 -6.74 -6.82 45.16
C PRO B 167 -6.94 -6.21 43.77
N SER B 168 -7.47 -7.02 42.85
CA SER B 168 -7.62 -6.59 41.47
C SER B 168 -8.42 -5.30 41.39
N VAL B 169 -7.96 -4.36 40.55
CA VAL B 169 -8.67 -3.11 40.33
C VAL B 169 -9.58 -3.18 39.10
N PHE B 170 -9.60 -4.29 38.39
CA PHE B 170 -10.52 -4.46 37.27
C PHE B 170 -11.90 -4.83 37.77
N VAL B 171 -12.91 -4.49 36.97
CA VAL B 171 -14.28 -4.91 37.20
C VAL B 171 -14.77 -5.62 35.95
N ARG B 172 -15.81 -6.43 36.12
CA ARG B 172 -16.33 -7.25 35.03
C ARG B 172 -17.63 -6.73 34.44
N THR B 173 -18.24 -5.70 35.03
CA THR B 173 -19.34 -4.97 34.42
C THR B 173 -19.20 -3.50 34.79
N THR B 174 -19.76 -2.64 33.95
CA THR B 174 -19.73 -1.21 34.25
C THR B 174 -20.45 -0.92 35.56
N ALA B 175 -21.53 -1.65 35.85
CA ALA B 175 -22.25 -1.46 37.10
C ALA B 175 -21.36 -1.76 38.29
N GLU B 176 -20.54 -2.81 38.20
CA GLU B 176 -19.62 -3.11 39.29
C GLU B 176 -18.64 -1.96 39.51
N GLY B 177 -18.19 -1.32 38.42
CA GLY B 177 -17.28 -0.19 38.57
C GLY B 177 -17.92 0.99 39.28
N VAL B 178 -19.15 1.32 38.90
CA VAL B 178 -19.86 2.42 39.56
C VAL B 178 -20.11 2.08 41.03
N ALA B 179 -20.55 0.85 41.30
CA ALA B 179 -20.78 0.45 42.68
C ALA B 179 -19.50 0.51 43.51
N ARG B 180 -18.35 0.20 42.90
CA ARG B 180 -17.09 0.23 43.63
C ARG B 180 -16.69 1.65 43.99
N VAL B 181 -16.86 2.59 43.06
CA VAL B 181 -16.63 3.99 43.36
C VAL B 181 -17.48 4.41 44.55
N ARG B 182 -18.77 4.09 44.51
CA ARG B 182 -19.70 4.59 45.52
C ARG B 182 -19.44 3.98 46.89
N LYS B 183 -18.83 2.79 46.95
CA LYS B 183 -18.64 2.07 48.20
C LYS B 183 -17.21 2.15 48.72
N SER B 184 -16.28 2.76 47.98
CA SER B 184 -14.88 2.75 48.35
C SER B 184 -14.44 4.04 49.06
N LYS B 185 -15.39 4.87 49.49
CA LYS B 185 -15.08 6.01 50.35
C LYS B 185 -14.03 6.92 49.74
N GLY B 186 -14.09 7.08 48.42
CA GLY B 186 -13.14 7.94 47.72
C GLY B 186 -11.79 7.33 47.46
N LYS B 187 -11.64 6.01 47.62
CA LYS B 187 -10.36 5.35 47.41
C LYS B 187 -10.30 4.58 46.10
N TYR B 188 -11.34 4.66 45.27
CA TYR B 188 -11.35 4.00 43.98
C TYR B 188 -11.88 4.97 42.93
N ALA B 189 -11.12 5.15 41.85
CA ALA B 189 -11.54 5.90 40.68
C ALA B 189 -11.76 4.94 39.52
N TYR B 190 -12.82 5.16 38.76
CA TYR B 190 -13.24 4.23 37.72
C TYR B 190 -13.05 4.88 36.35
N LEU B 191 -12.24 4.23 35.52
CA LEU B 191 -12.01 4.67 34.14
C LEU B 191 -13.11 4.11 33.26
N LEU B 192 -13.92 4.99 32.67
CA LEU B 192 -15.03 4.58 31.84
C LEU B 192 -15.29 5.67 30.81
N GLU B 193 -16.16 5.38 29.85
CA GLU B 193 -16.40 6.30 28.76
C GLU B 193 -17.27 7.47 29.23
N SER B 194 -17.02 8.63 28.62
CA SER B 194 -17.64 9.87 29.07
C SER B 194 -19.16 9.82 29.01
N THR B 195 -19.72 9.11 28.03
CA THR B 195 -21.17 9.01 27.92
C THR B 195 -21.78 8.53 29.24
N MET B 196 -21.34 7.36 29.73
CA MET B 196 -21.90 6.82 30.95
C MET B 196 -21.48 7.67 32.15
N ASN B 197 -20.25 8.17 32.16
CA ASN B 197 -19.79 9.00 33.28
C ASN B 197 -20.72 10.18 33.50
N GLU B 198 -21.06 10.89 32.42
CA GLU B 198 -21.93 12.06 32.53
C GLU B 198 -23.37 11.68 32.81
N TYR B 199 -23.83 10.53 32.30
CA TYR B 199 -25.20 10.10 32.55
C TYR B 199 -25.42 9.75 34.02
N ILE B 200 -24.51 8.95 34.59
CA ILE B 200 -24.63 8.57 36.00
C ILE B 200 -24.50 9.78 36.90
N GLU B 201 -23.70 10.76 36.49
CA GLU B 201 -23.49 11.94 37.31
C GLU B 201 -24.80 12.70 37.59
N GLN B 202 -25.73 12.69 36.63
CA GLN B 202 -26.96 13.46 36.73
C GLN B 202 -28.13 12.62 37.21
N ARG B 203 -27.88 11.56 37.98
CA ARG B 203 -28.95 10.71 38.45
C ARG B 203 -28.62 10.19 39.85
N LYS B 204 -29.68 9.93 40.62
CA LYS B 204 -29.54 9.54 42.02
C LYS B 204 -28.71 8.26 42.17
N PRO B 205 -28.03 8.11 43.33
CA PRO B 205 -28.04 9.00 44.50
C PRO B 205 -27.16 10.26 44.37
N CYS B 206 -26.68 10.56 43.17
CA CYS B 206 -25.98 11.83 42.91
C CYS B 206 -24.69 11.93 43.72
N ASP B 207 -23.93 10.84 43.78
CA ASP B 207 -22.72 10.79 44.59
C ASP B 207 -21.47 10.52 43.76
N THR B 208 -21.53 10.74 42.45
CA THR B 208 -20.38 10.57 41.57
C THR B 208 -20.20 11.83 40.74
N MET B 209 -18.98 12.01 40.23
CA MET B 209 -18.71 13.14 39.35
C MET B 209 -17.60 12.77 38.37
N LYS B 210 -17.68 13.33 37.17
CA LYS B 210 -16.62 13.22 36.18
C LYS B 210 -15.56 14.29 36.45
N VAL B 211 -14.29 13.90 36.35
CA VAL B 211 -13.17 14.78 36.64
C VAL B 211 -12.26 14.84 35.42
N GLY B 212 -11.78 16.04 35.11
CA GLY B 212 -10.88 16.24 34.01
C GLY B 212 -11.56 16.05 32.67
N GLY B 213 -10.76 16.22 31.61
CA GLY B 213 -11.23 15.98 30.26
C GLY B 213 -11.04 14.54 29.85
N ASN B 214 -11.48 14.24 28.63
CA ASN B 214 -11.38 12.88 28.12
C ASN B 214 -9.93 12.55 27.77
N LEU B 215 -9.57 11.28 27.98
CA LEU B 215 -8.23 10.81 27.66
C LEU B 215 -8.04 10.54 26.17
N ASP B 216 -9.13 10.42 25.41
CA ASP B 216 -9.06 10.15 23.98
C ASP B 216 -10.42 10.52 23.38
N SER B 217 -10.59 10.25 22.09
CA SER B 217 -11.87 10.52 21.44
C SER B 217 -12.12 9.45 20.39
N LYS B 218 -13.32 8.88 20.42
CA LYS B 218 -13.71 7.84 19.48
C LYS B 218 -15.24 7.86 19.40
N GLY B 219 -15.83 6.78 18.86
CA GLY B 219 -17.26 6.75 18.68
C GLY B 219 -17.81 5.35 18.75
N TYR B 220 -19.14 5.27 18.90
CA TYR B 220 -19.87 4.02 18.82
C TYR B 220 -20.32 3.79 17.39
N GLY B 221 -20.30 2.53 16.97
CA GLY B 221 -20.74 2.18 15.63
C GLY B 221 -21.57 0.91 15.67
N ILE B 222 -22.44 0.78 14.67
CA ILE B 222 -23.19 -0.46 14.47
C ILE B 222 -22.24 -1.48 13.85
N ALA B 223 -22.21 -2.68 14.42
CA ALA B 223 -21.26 -3.71 14.02
C ALA B 223 -21.96 -4.85 13.31
N THR B 224 -21.28 -5.38 12.29
CA THR B 224 -21.71 -6.55 11.55
C THR B 224 -20.49 -7.42 11.29
N PRO B 225 -20.67 -8.71 11.06
CA PRO B 225 -19.51 -9.58 10.79
C PRO B 225 -18.95 -9.32 9.40
N LYS B 226 -17.67 -9.64 9.25
CA LYS B 226 -17.00 -9.48 7.96
C LYS B 226 -17.75 -10.23 6.87
N GLY B 227 -17.92 -9.58 5.72
CA GLY B 227 -18.59 -10.21 4.61
C GLY B 227 -20.08 -10.34 4.75
N SER B 228 -20.70 -9.57 5.64
CA SER B 228 -22.14 -9.61 5.80
C SER B 228 -22.84 -8.85 4.68
N SER B 229 -24.01 -9.35 4.28
CA SER B 229 -24.80 -8.67 3.27
C SER B 229 -25.48 -7.41 3.80
N LEU B 230 -25.48 -7.21 5.12
CA LEU B 230 -26.11 -6.04 5.72
C LEU B 230 -25.15 -4.88 5.93
N GLY B 231 -23.83 -5.13 5.87
CA GLY B 231 -22.86 -4.10 6.22
C GLY B 231 -23.07 -2.81 5.44
N ASN B 232 -23.18 -2.92 4.12
CA ASN B 232 -23.33 -1.72 3.30
C ASN B 232 -24.62 -0.99 3.62
N ALA B 233 -25.75 -1.71 3.66
CA ALA B 233 -27.04 -1.07 3.91
C ALA B 233 -27.08 -0.43 5.29
N VAL B 234 -26.53 -1.11 6.30
CA VAL B 234 -26.53 -0.56 7.66
C VAL B 234 -25.78 0.76 7.68
N ASN B 235 -24.61 0.81 7.04
CA ASN B 235 -23.82 2.03 7.03
C ASN B 235 -24.59 3.18 6.41
N LEU B 236 -25.22 2.94 5.25
CA LEU B 236 -26.00 3.99 4.60
C LEU B 236 -27.20 4.38 5.46
N ALA B 237 -27.80 3.41 6.15
CA ALA B 237 -28.91 3.72 7.05
C ALA B 237 -28.47 4.68 8.15
N VAL B 238 -27.34 4.40 8.80
CA VAL B 238 -26.86 5.28 9.86
C VAL B 238 -26.65 6.69 9.32
N LEU B 239 -25.99 6.80 8.16
CA LEU B 239 -25.75 8.12 7.58
C LEU B 239 -27.05 8.82 7.23
N LYS B 240 -28.03 8.08 6.71
CA LYS B 240 -29.31 8.69 6.39
C LYS B 240 -30.01 9.19 7.65
N LEU B 241 -30.08 8.34 8.68
CA LEU B 241 -30.72 8.75 9.92
C LEU B 241 -30.04 9.97 10.53
N ASN B 242 -28.71 10.05 10.38
CA ASN B 242 -27.99 11.23 10.87
C ASN B 242 -28.39 12.46 10.08
N GLU B 243 -28.37 12.36 8.75
CA GLU B 243 -28.71 13.51 7.91
C GLU B 243 -30.13 14.00 8.20
N GLN B 244 -31.06 13.08 8.43
CA GLN B 244 -32.45 13.44 8.67
C GLN B 244 -32.70 13.98 10.07
N GLY B 245 -31.70 13.97 10.94
CA GLY B 245 -31.86 14.49 12.29
C GLY B 245 -32.45 13.52 13.28
N LEU B 246 -32.62 12.25 12.91
CA LEU B 246 -33.22 11.28 13.83
C LEU B 246 -32.31 11.03 15.02
N LEU B 247 -31.02 10.82 14.79
CA LEU B 247 -30.10 10.54 15.89
C LEU B 247 -30.15 11.64 16.93
N ASP B 248 -30.26 12.89 16.49
CA ASP B 248 -30.42 13.99 17.44
C ASP B 248 -31.75 13.90 18.18
N LYS B 249 -32.81 13.49 17.47
CA LYS B 249 -34.11 13.32 18.10
C LYS B 249 -34.09 12.21 19.13
N LEU B 250 -33.45 11.08 18.81
CA LEU B 250 -33.34 9.98 19.75
C LEU B 250 -32.52 10.40 20.98
N LYS B 251 -31.41 11.11 20.77
CA LYS B 251 -30.60 11.57 21.88
C LYS B 251 -31.42 12.41 22.85
N ASN B 252 -32.13 13.42 22.33
CA ASN B 252 -32.93 14.27 23.18
C ASN B 252 -34.04 13.49 23.86
N LYS B 253 -34.61 12.50 23.16
CA LYS B 253 -35.68 11.71 23.74
C LYS B 253 -35.22 10.95 24.98
N TRP B 254 -34.03 10.35 24.93
CA TRP B 254 -33.57 9.45 25.97
C TRP B 254 -32.59 10.07 26.94
N TRP B 255 -32.20 11.32 26.73
CA TRP B 255 -31.34 12.03 27.66
C TRP B 255 -32.09 13.21 28.27
N GLU B 260 -31.78 14.41 37.80
CA GLU B 260 -32.33 14.10 39.12
C GLU B 260 -31.45 14.66 40.23
N CYS B 261 -30.40 15.39 39.85
CA CYS B 261 -29.42 15.91 40.79
C CYS B 261 -29.41 17.43 40.81
N GLY B 262 -30.52 18.05 40.43
CA GLY B 262 -30.60 19.50 40.45
C GLY B 262 -29.58 20.10 39.50
N SER B 263 -28.66 20.89 40.04
CA SER B 263 -27.66 21.56 39.24
C SER B 263 -26.63 22.27 40.12
N ASN C 3 5.29 -1.88 -7.00
CA ASN C 3 4.44 -0.89 -6.34
C ASN C 3 4.62 0.48 -6.99
N LYS C 4 3.50 1.08 -7.38
CA LYS C 4 3.51 2.33 -8.12
C LYS C 4 3.18 3.51 -7.21
N THR C 5 3.47 4.71 -7.70
CA THR C 5 3.21 5.92 -6.95
C THR C 5 1.70 6.15 -6.81
N VAL C 6 1.26 6.49 -5.61
CA VAL C 6 -0.14 6.79 -5.34
C VAL C 6 -0.37 8.27 -5.60
N VAL C 7 -1.40 8.58 -6.38
CA VAL C 7 -1.77 9.97 -6.68
C VAL C 7 -2.78 10.41 -5.63
N VAL C 8 -2.38 11.36 -4.79
CA VAL C 8 -3.23 11.90 -3.74
C VAL C 8 -3.80 13.22 -4.22
N THR C 9 -5.12 13.36 -4.18
CA THR C 9 -5.77 14.62 -4.51
C THR C 9 -6.19 15.33 -3.23
N THR C 10 -6.00 16.64 -3.22
CA THR C 10 -6.40 17.46 -2.07
C THR C 10 -6.74 18.85 -2.58
N ILE C 11 -7.10 19.73 -1.64
CA ILE C 11 -7.59 21.06 -1.99
C ILE C 11 -6.83 22.08 -1.16
N LEU C 12 -6.58 23.24 -1.76
CA LEU C 12 -5.72 24.27 -1.15
C LEU C 12 -6.55 25.08 -0.17
N GLU C 13 -6.52 24.66 1.10
CA GLU C 13 -7.33 25.28 2.15
C GLU C 13 -6.49 25.32 3.42
N SER C 14 -6.16 26.53 3.89
CA SER C 14 -5.45 26.69 5.16
C SER C 14 -6.37 26.31 6.32
N PRO C 15 -5.85 25.57 7.32
CA PRO C 15 -4.49 25.09 7.53
C PRO C 15 -4.27 23.63 7.09
N TYR C 16 -5.17 23.09 6.28
CA TYR C 16 -5.06 21.69 5.86
C TYR C 16 -3.99 21.52 4.79
N VAL C 17 -4.03 22.34 3.75
CA VAL C 17 -3.02 22.34 2.70
C VAL C 17 -2.69 23.79 2.36
N MET C 18 -1.42 24.15 2.50
CA MET C 18 -0.95 25.51 2.25
C MET C 18 0.32 25.46 1.42
N MET C 19 0.58 26.55 0.71
CA MET C 19 1.83 26.69 -0.02
C MET C 19 2.95 27.08 0.95
N LYS C 20 4.03 26.32 0.92
CA LYS C 20 5.16 26.59 1.79
C LYS C 20 5.85 27.89 1.37
N LYS C 21 6.62 28.46 2.31
CA LYS C 21 7.41 29.63 2.00
C LYS C 21 8.37 29.33 0.86
N ASN C 22 8.42 30.21 -0.13
CA ASN C 22 9.32 30.06 -1.27
C ASN C 22 8.94 28.86 -2.14
N HIS C 23 7.66 28.49 -2.12
CA HIS C 23 7.21 27.32 -2.87
C HIS C 23 7.51 27.43 -4.36
N GLU C 24 7.69 28.64 -4.89
CA GLU C 24 7.96 28.79 -6.31
C GLU C 24 9.27 28.11 -6.70
N MET C 25 10.22 28.00 -5.76
CA MET C 25 11.50 27.35 -6.00
C MET C 25 11.53 25.90 -5.57
N LEU C 26 10.45 25.37 -5.02
CA LEU C 26 10.38 24.00 -4.56
C LEU C 26 9.65 23.13 -5.57
N GLU C 27 9.90 21.82 -5.48
CA GLU C 27 9.33 20.87 -6.42
C GLU C 27 8.59 19.75 -5.67
N GLY C 28 7.57 19.21 -6.32
CA GLY C 28 6.89 18.05 -5.80
C GLY C 28 6.22 18.32 -4.46
N ASN C 29 6.23 17.32 -3.59
CA ASN C 29 5.51 17.39 -2.33
C ASN C 29 6.05 18.47 -1.41
N GLU C 30 7.30 18.89 -1.59
CA GLU C 30 7.88 19.89 -0.70
C GLU C 30 7.27 21.28 -0.89
N ARG C 31 6.45 21.47 -1.92
CA ARG C 31 5.78 22.76 -2.11
C ARG C 31 4.70 23.01 -1.08
N TYR C 32 4.23 21.98 -0.39
CA TYR C 32 3.04 22.08 0.44
C TYR C 32 3.36 21.77 1.91
N GLU C 33 2.51 22.27 2.79
CA GLU C 33 2.57 21.96 4.20
C GLU C 33 1.19 22.11 4.80
N GLY C 34 0.97 21.47 5.94
CA GLY C 34 -0.30 21.59 6.63
C GLY C 34 -0.79 20.31 7.25
N TYR C 35 -1.97 20.38 7.88
CA TYR C 35 -2.54 19.23 8.56
C TYR C 35 -2.63 18.03 7.63
N CYS C 36 -3.20 18.21 6.45
CA CYS C 36 -3.41 17.08 5.54
C CYS C 36 -2.10 16.65 4.88
N VAL C 37 -1.13 17.56 4.76
CA VAL C 37 0.17 17.16 4.25
C VAL C 37 0.87 16.24 5.25
N ASP C 38 0.84 16.60 6.53
CA ASP C 38 1.37 15.71 7.55
C ASP C 38 0.56 14.43 7.64
N LEU C 39 -0.76 14.54 7.58
CA LEU C 39 -1.61 13.36 7.64
C LEU C 39 -1.29 12.39 6.50
N ALA C 40 -1.11 12.91 5.29
CA ALA C 40 -0.79 12.05 4.16
C ALA C 40 0.52 11.31 4.37
N ALA C 41 1.53 12.00 4.92
CA ALA C 41 2.82 11.36 5.16
C ALA C 41 2.68 10.20 6.14
N GLU C 42 1.84 10.37 7.17
CA GLU C 42 1.70 9.33 8.19
C GLU C 42 0.93 8.14 7.65
N ILE C 43 -0.09 8.38 6.84
CA ILE C 43 -0.86 7.28 6.25
C ILE C 43 0.00 6.51 5.26
N ALA C 44 0.73 7.23 4.40
CA ALA C 44 1.64 6.58 3.48
C ALA C 44 2.69 5.76 4.20
N LYS C 45 3.13 6.22 5.38
CA LYS C 45 4.13 5.48 6.14
C LYS C 45 3.56 4.18 6.70
N HIS C 46 2.36 4.26 7.28
CA HIS C 46 1.76 3.07 7.90
C HIS C 46 1.18 2.12 6.85
N CYS C 47 0.82 2.62 5.68
CA CYS C 47 0.35 1.78 4.58
C CYS C 47 1.47 1.39 3.62
N GLY C 48 2.65 1.99 3.76
CA GLY C 48 3.80 1.61 2.96
C GLY C 48 3.64 1.85 1.47
N PHE C 49 3.39 3.09 1.08
CA PHE C 49 3.40 3.45 -0.33
C PHE C 49 3.99 4.85 -0.51
N LYS C 50 4.56 5.08 -1.69
CA LYS C 50 5.00 6.40 -2.08
C LYS C 50 3.86 7.11 -2.81
N TYR C 51 3.84 8.44 -2.69
CA TYR C 51 2.68 9.20 -3.13
C TYR C 51 3.11 10.54 -3.70
N LYS C 52 2.25 11.09 -4.57
CA LYS C 52 2.43 12.42 -5.11
C LYS C 52 1.22 13.27 -4.74
N LEU C 53 1.47 14.40 -4.09
CA LEU C 53 0.40 15.32 -3.74
C LEU C 53 0.00 16.15 -4.95
N THR C 54 -1.30 16.23 -5.23
CA THR C 54 -1.81 17.01 -6.34
C THR C 54 -3.05 17.77 -5.88
N ILE C 55 -3.16 19.03 -6.32
CA ILE C 55 -4.32 19.85 -6.02
C ILE C 55 -5.41 19.56 -7.05
N VAL C 56 -6.63 19.34 -6.56
CA VAL C 56 -7.75 19.01 -7.44
C VAL C 56 -7.83 20.02 -8.58
N GLY C 57 -8.02 19.52 -9.80
CA GLY C 57 -7.89 20.36 -10.97
C GLY C 57 -8.89 21.51 -10.99
N ASP C 58 -10.15 21.23 -10.68
CA ASP C 58 -11.19 22.25 -10.72
C ASP C 58 -11.38 22.97 -9.39
N GLY C 59 -10.55 22.69 -8.40
CA GLY C 59 -10.63 23.40 -7.13
C GLY C 59 -11.91 23.19 -6.36
N LYS C 60 -12.58 22.05 -6.55
CA LYS C 60 -13.87 21.78 -5.94
C LYS C 60 -13.80 20.55 -5.04
N TYR C 61 -14.67 20.53 -4.03
CA TYR C 61 -14.75 19.40 -3.13
C TYR C 61 -15.45 18.21 -3.79
N GLY C 62 -16.65 18.43 -4.31
CA GLY C 62 -17.37 17.38 -5.00
C GLY C 62 -18.87 17.56 -4.97
N ALA C 63 -19.45 17.80 -6.15
CA ALA C 63 -20.89 17.91 -6.30
C ALA C 63 -21.32 17.10 -7.52
N ARG C 64 -22.63 16.85 -7.61
CA ARG C 64 -23.20 15.98 -8.61
C ARG C 64 -24.36 16.70 -9.28
N ASP C 65 -24.44 16.58 -10.61
CA ASP C 65 -25.58 17.12 -11.35
C ASP C 65 -26.78 16.19 -11.17
N ALA C 66 -27.93 16.78 -10.85
CA ALA C 66 -29.11 15.98 -10.51
C ALA C 66 -29.51 15.06 -11.65
N ASP C 67 -29.38 15.51 -12.89
CA ASP C 67 -29.84 14.73 -14.04
C ASP C 67 -28.80 13.74 -14.54
N THR C 68 -27.58 14.19 -14.81
CA THR C 68 -26.56 13.33 -15.39
C THR C 68 -25.84 12.47 -14.34
N LYS C 69 -25.90 12.86 -13.08
CA LYS C 69 -25.23 12.15 -11.99
C LYS C 69 -23.70 12.19 -12.13
N ILE C 70 -23.18 13.14 -12.92
CA ILE C 70 -21.74 13.28 -13.09
C ILE C 70 -21.17 14.08 -11.94
N TRP C 71 -20.01 13.64 -11.43
CA TRP C 71 -19.35 14.27 -10.30
C TRP C 71 -18.19 15.15 -10.76
N ASN C 72 -17.91 16.18 -9.97
CA ASN C 72 -16.73 17.01 -10.17
C ASN C 72 -15.91 17.01 -8.87
N GLY C 73 -14.93 17.91 -8.80
CA GLY C 73 -14.14 18.05 -7.61
C GLY C 73 -13.32 16.80 -7.30
N MET C 74 -12.90 16.72 -6.03
CA MET C 74 -12.12 15.58 -5.57
C MET C 74 -12.91 14.28 -5.70
N VAL C 75 -14.22 14.34 -5.47
CA VAL C 75 -15.05 13.15 -5.63
C VAL C 75 -14.94 12.62 -7.05
N GLY C 76 -15.17 13.50 -8.03
CA GLY C 76 -15.08 13.08 -9.43
C GLY C 76 -13.73 12.51 -9.78
N GLU C 77 -12.65 13.09 -9.22
CA GLU C 77 -11.32 12.59 -9.52
C GLU C 77 -11.16 11.14 -9.08
N LEU C 78 -11.75 10.77 -7.94
CA LEU C 78 -11.70 9.38 -7.51
C LEU C 78 -12.62 8.50 -8.35
N VAL C 79 -13.82 8.99 -8.66
CA VAL C 79 -14.80 8.18 -9.38
C VAL C 79 -14.30 7.83 -10.78
N TYR C 80 -13.63 8.79 -11.44
CA TYR C 80 -13.23 8.63 -12.84
C TYR C 80 -11.74 8.32 -12.99
N GLY C 81 -11.09 7.86 -11.92
CA GLY C 81 -9.75 7.31 -12.04
C GLY C 81 -8.63 8.30 -12.16
N LYS C 82 -8.86 9.57 -11.83
CA LYS C 82 -7.80 10.57 -11.89
C LYS C 82 -6.95 10.62 -10.63
N ALA C 83 -7.44 10.09 -9.52
CA ALA C 83 -6.68 10.04 -8.28
C ALA C 83 -6.96 8.73 -7.57
N ASP C 84 -5.99 8.28 -6.78
CA ASP C 84 -6.11 7.03 -6.04
C ASP C 84 -6.71 7.22 -4.66
N ILE C 85 -6.64 8.43 -4.10
CA ILE C 85 -7.05 8.68 -2.73
C ILE C 85 -7.17 10.19 -2.53
N ALA C 86 -8.11 10.61 -1.68
CA ALA C 86 -8.30 12.03 -1.36
C ALA C 86 -8.04 12.23 0.12
N ILE C 87 -7.12 13.13 0.44
CA ILE C 87 -6.75 13.45 1.82
C ILE C 87 -6.99 14.95 2.00
N ALA C 88 -8.15 15.30 2.54
CA ALA C 88 -8.60 16.68 2.58
C ALA C 88 -9.72 16.79 3.59
N PRO C 89 -10.14 18.01 3.94
CA PRO C 89 -11.36 18.16 4.73
C PRO C 89 -12.60 17.85 3.91
N LEU C 90 -12.71 16.60 3.47
CA LEU C 90 -13.81 16.13 2.63
C LEU C 90 -14.87 15.51 3.52
N THR C 91 -16.10 16.03 3.42
CA THR C 91 -17.16 15.65 4.35
C THR C 91 -17.78 14.31 3.95
N ILE C 92 -18.01 13.47 4.94
CA ILE C 92 -18.67 12.18 4.74
C ILE C 92 -20.17 12.43 4.61
N THR C 93 -20.75 11.97 3.51
CA THR C 93 -22.18 12.12 3.29
C THR C 93 -22.74 10.85 2.67
N LEU C 94 -24.05 10.67 2.84
CA LEU C 94 -24.73 9.51 2.28
C LEU C 94 -24.52 9.42 0.78
N VAL C 95 -24.77 10.51 0.06
CA VAL C 95 -24.68 10.47 -1.41
C VAL C 95 -23.27 10.11 -1.85
N ARG C 96 -22.26 10.67 -1.18
CA ARG C 96 -20.88 10.38 -1.58
C ARG C 96 -20.50 8.94 -1.28
N GLU C 97 -20.95 8.40 -0.15
CA GLU C 97 -20.65 7.01 0.19
C GLU C 97 -21.21 6.04 -0.84
N GLU C 98 -22.17 6.47 -1.66
CA GLU C 98 -22.72 5.62 -2.70
C GLU C 98 -21.84 5.52 -3.94
N VAL C 99 -20.80 6.34 -4.03
CA VAL C 99 -19.89 6.29 -5.18
C VAL C 99 -18.42 6.19 -4.78
N ILE C 100 -18.06 6.50 -3.54
CA ILE C 100 -16.69 6.37 -3.05
C ILE C 100 -16.74 5.79 -1.65
N ASP C 101 -15.58 5.32 -1.19
CA ASP C 101 -15.44 4.78 0.16
C ASP C 101 -14.74 5.79 1.06
N PHE C 102 -15.23 5.90 2.29
CA PHE C 102 -14.63 6.77 3.30
C PHE C 102 -14.08 5.93 4.44
N SER C 103 -12.97 6.37 5.00
CA SER C 103 -12.50 5.83 6.27
C SER C 103 -13.37 6.36 7.40
N LYS C 104 -13.12 5.88 8.61
CA LYS C 104 -13.75 6.49 9.77
C LYS C 104 -13.32 7.95 9.85
N PRO C 105 -14.16 8.81 10.42
CA PRO C 105 -13.81 10.24 10.45
C PRO C 105 -12.56 10.49 11.28
N PHE C 106 -11.73 11.43 10.82
CA PHE C 106 -10.58 11.89 11.59
C PHE C 106 -10.80 13.27 12.19
N MET C 107 -11.95 13.90 11.94
CA MET C 107 -12.29 15.18 12.54
C MET C 107 -13.79 15.36 12.45
N SER C 108 -14.34 16.10 13.40
CA SER C 108 -15.77 16.37 13.48
C SER C 108 -16.06 17.83 13.15
N LEU C 109 -17.30 18.08 12.74
CA LEU C 109 -17.72 19.42 12.35
C LEU C 109 -19.22 19.41 12.11
N GLY C 110 -19.78 20.61 11.99
CA GLY C 110 -21.17 20.77 11.58
C GLY C 110 -21.32 22.05 10.79
N ILE C 111 -22.42 22.14 10.05
CA ILE C 111 -22.72 23.35 9.30
C ILE C 111 -22.99 24.48 10.29
N SER C 112 -22.45 25.67 9.98
CA SER C 112 -22.57 26.82 10.87
C SER C 112 -22.86 28.05 10.03
N ILE C 113 -23.01 29.18 10.72
CA ILE C 113 -23.37 30.46 10.10
C ILE C 113 -22.27 31.46 10.41
N MET C 114 -21.72 32.09 9.37
CA MET C 114 -20.75 33.16 9.51
C MET C 114 -21.43 34.49 9.18
N ILE C 115 -21.26 35.48 10.05
CA ILE C 115 -21.77 36.82 9.82
C ILE C 115 -20.65 37.82 10.03
N LYS C 116 -20.85 39.02 9.50
CA LYS C 116 -20.00 40.14 9.84
C LYS C 116 -20.41 40.69 11.20
N LYS C 117 -19.42 41.04 12.02
CA LYS C 117 -19.71 41.52 13.36
C LYS C 117 -20.69 42.70 13.31
N GLY C 118 -21.77 42.58 14.07
CA GLY C 118 -22.81 43.59 14.12
C GLY C 118 -24.11 43.19 13.46
N THR C 119 -24.15 42.04 12.78
CA THR C 119 -25.36 41.62 12.09
C THR C 119 -26.36 41.04 13.09
N PRO C 120 -27.74 41.45 12.99
CA PRO C 120 -28.77 40.92 13.92
C PRO C 120 -29.24 39.52 13.52
N ILE C 121 -28.32 38.57 13.59
CA ILE C 121 -28.61 37.16 13.30
C ILE C 121 -27.92 36.30 14.33
N GLU C 122 -28.57 35.20 14.69
CA GLU C 122 -27.99 34.27 15.67
C GLU C 122 -28.30 32.81 15.40
N SER C 123 -29.12 32.47 14.40
CA SER C 123 -29.47 31.08 14.14
C SER C 123 -30.00 30.97 12.73
N ALA C 124 -30.12 29.72 12.27
CA ALA C 124 -30.72 29.45 10.96
C ALA C 124 -32.20 29.81 10.97
N GLU C 125 -32.89 29.60 12.09
CA GLU C 125 -34.28 30.03 12.20
C GLU C 125 -34.42 31.52 11.91
N ASP C 126 -33.50 32.32 12.44
CA ASP C 126 -33.55 33.76 12.21
C ASP C 126 -33.41 34.08 10.72
N LEU C 127 -32.43 33.47 10.05
CA LEU C 127 -32.23 33.73 8.63
C LEU C 127 -33.48 33.41 7.82
N SER C 128 -34.16 32.32 8.15
CA SER C 128 -35.30 31.88 7.35
C SER C 128 -36.53 32.74 7.56
N LYS C 129 -36.57 33.56 8.62
CA LYS C 129 -37.74 34.36 8.95
C LYS C 129 -37.54 35.85 8.70
N GLN C 130 -36.45 36.24 8.05
CA GLN C 130 -36.19 37.63 7.70
C GLN C 130 -35.82 37.71 6.23
N THR C 131 -35.80 38.95 5.71
CA THR C 131 -35.49 39.19 4.30
C THR C 131 -34.48 40.32 4.12
N GLU C 132 -33.94 40.87 5.21
CA GLU C 132 -32.99 41.97 5.08
C GLU C 132 -31.57 41.49 4.84
N ILE C 133 -31.26 40.23 5.17
CA ILE C 133 -29.90 39.72 5.11
C ILE C 133 -29.91 38.49 4.20
N ALA C 134 -29.25 38.61 3.04
CA ALA C 134 -29.13 37.47 2.16
C ALA C 134 -28.19 36.43 2.77
N TYR C 135 -28.27 35.20 2.25
CA TYR C 135 -27.40 34.15 2.74
C TYR C 135 -27.32 33.04 1.70
N GLY C 136 -26.17 32.39 1.65
CA GLY C 136 -25.94 31.30 0.74
C GLY C 136 -24.81 30.42 1.20
N THR C 137 -24.29 29.61 0.29
CA THR C 137 -23.29 28.63 0.64
C THR C 137 -22.45 28.29 -0.59
N LEU C 138 -21.42 27.48 -0.36
CA LEU C 138 -20.62 26.94 -1.45
C LEU C 138 -21.49 26.08 -2.37
N ASP C 139 -21.29 26.23 -3.67
CA ASP C 139 -22.19 25.61 -4.64
C ASP C 139 -21.84 24.15 -4.92
N SER C 140 -20.60 23.74 -4.68
CA SER C 140 -20.10 22.44 -5.11
C SER C 140 -19.58 21.61 -3.95
N GLY C 141 -20.25 21.72 -2.79
CA GLY C 141 -19.83 21.00 -1.61
C GLY C 141 -20.99 20.31 -0.93
N SER C 142 -20.66 19.66 0.20
CA SER C 142 -21.66 18.87 0.93
C SER C 142 -22.77 19.74 1.51
N THR C 143 -22.49 21.01 1.81
CA THR C 143 -23.49 21.86 2.42
C THR C 143 -24.66 22.13 1.47
N LYS C 144 -24.36 22.38 0.19
CA LYS C 144 -25.43 22.54 -0.78
C LYS C 144 -26.25 21.26 -0.89
N GLU C 145 -25.58 20.11 -0.93
CA GLU C 145 -26.28 18.84 -0.97
C GLU C 145 -27.20 18.68 0.23
N PHE C 146 -26.73 19.08 1.42
CA PHE C 146 -27.54 18.95 2.63
C PHE C 146 -28.84 19.73 2.49
N PHE C 147 -28.75 21.01 2.11
CA PHE C 147 -29.96 21.83 2.01
C PHE C 147 -30.87 21.36 0.89
N ARG C 148 -30.30 20.84 -0.19
CA ARG C 148 -31.12 20.39 -1.32
C ARG C 148 -31.97 19.19 -0.94
N ARG C 149 -31.38 18.22 -0.24
CA ARG C 149 -32.07 16.98 0.09
C ARG C 149 -32.88 17.06 1.37
N SER C 150 -32.66 18.08 2.20
CA SER C 150 -33.23 18.09 3.54
C SER C 150 -34.75 18.18 3.49
N LYS C 151 -35.40 17.32 4.26
CA LYS C 151 -36.84 17.39 4.48
C LYS C 151 -37.19 18.21 5.73
N ILE C 152 -36.18 18.67 6.48
CA ILE C 152 -36.44 19.49 7.65
C ILE C 152 -37.02 20.82 7.19
N ALA C 153 -38.12 21.24 7.83
CA ALA C 153 -38.89 22.37 7.33
C ALA C 153 -38.04 23.62 7.21
N VAL C 154 -37.35 24.01 8.29
CA VAL C 154 -36.58 25.25 8.27
C VAL C 154 -35.51 25.21 7.18
N PHE C 155 -34.84 24.07 7.03
CA PHE C 155 -33.78 23.98 6.02
C PHE C 155 -34.35 23.97 4.61
N ASP C 156 -35.53 23.37 4.42
CA ASP C 156 -36.16 23.38 3.10
C ASP C 156 -36.58 24.79 2.70
N LYS C 157 -37.13 25.55 3.65
CA LYS C 157 -37.47 26.93 3.38
C LYS C 157 -36.24 27.75 3.00
N MET C 158 -35.12 27.51 3.69
CA MET C 158 -33.88 28.20 3.32
C MET C 158 -33.43 27.79 1.92
N TRP C 159 -33.52 26.49 1.60
CA TRP C 159 -33.13 26.02 0.28
C TRP C 159 -34.00 26.65 -0.80
N THR C 160 -35.31 26.70 -0.58
CA THR C 160 -36.22 27.31 -1.55
C THR C 160 -35.82 28.76 -1.82
N TYR C 161 -35.43 29.49 -0.78
CA TYR C 161 -35.01 30.87 -0.97
C TYR C 161 -33.69 30.94 -1.74
N MET C 162 -32.75 30.04 -1.43
CA MET C 162 -31.40 30.17 -1.97
C MET C 162 -31.37 29.88 -3.47
N ARG C 163 -32.07 28.83 -3.92
CA ARG C 163 -32.04 28.48 -5.32
C ARG C 163 -32.77 29.48 -6.21
N SER C 164 -33.53 30.40 -5.62
CA SER C 164 -34.26 31.41 -6.38
C SER C 164 -33.78 32.83 -6.14
N ALA C 165 -32.84 33.04 -5.23
CA ALA C 165 -32.37 34.38 -4.92
C ALA C 165 -31.66 35.00 -6.12
N GLU C 166 -31.79 36.32 -6.25
CA GLU C 166 -31.17 37.07 -7.33
C GLU C 166 -30.71 38.44 -6.81
N PRO C 167 -29.41 38.75 -6.93
CA PRO C 167 -28.34 37.95 -7.53
C PRO C 167 -28.04 36.67 -6.75
N SER C 168 -27.32 35.75 -7.39
CA SER C 168 -27.06 34.44 -6.80
C SER C 168 -26.40 34.59 -5.44
N VAL C 169 -26.86 33.77 -4.48
CA VAL C 169 -26.27 33.73 -3.15
C VAL C 169 -25.21 32.64 -3.02
N PHE C 170 -24.98 31.86 -4.05
CA PHE C 170 -23.98 30.81 -4.00
C PHE C 170 -22.61 31.36 -4.37
N VAL C 171 -21.57 30.72 -3.83
CA VAL C 171 -20.19 31.06 -4.13
C VAL C 171 -19.49 29.82 -4.66
N ARG C 172 -18.37 30.05 -5.34
CA ARG C 172 -17.63 28.97 -5.99
C ARG C 172 -16.43 28.51 -5.18
N THR C 173 -15.98 29.27 -4.19
CA THR C 173 -14.95 28.84 -3.26
C THR C 173 -15.31 29.36 -1.87
N THR C 174 -14.81 28.66 -0.85
CA THR C 174 -15.05 29.09 0.52
C THR C 174 -14.48 30.49 0.74
N ALA C 175 -13.32 30.78 0.15
CA ALA C 175 -12.73 32.11 0.30
C ALA C 175 -13.65 33.19 -0.25
N GLU C 176 -14.38 32.89 -1.33
CA GLU C 176 -15.31 33.86 -1.89
C GLU C 176 -16.46 34.15 -0.93
N GLY C 177 -16.97 33.12 -0.27
CA GLY C 177 -18.03 33.34 0.71
C GLY C 177 -17.58 34.22 1.86
N VAL C 178 -16.40 33.95 2.40
CA VAL C 178 -15.87 34.78 3.47
C VAL C 178 -15.69 36.22 3.00
N ALA C 179 -15.09 36.39 1.83
CA ALA C 179 -14.89 37.73 1.28
C ALA C 179 -16.21 38.43 1.04
N ARG C 180 -17.26 37.68 0.71
CA ARG C 180 -18.57 38.28 0.49
C ARG C 180 -19.19 38.76 1.80
N VAL C 181 -18.97 38.01 2.89
CA VAL C 181 -19.44 38.45 4.20
C VAL C 181 -18.76 39.75 4.59
N ARG C 182 -17.43 39.81 4.44
CA ARG C 182 -16.66 40.96 4.91
C ARG C 182 -16.94 42.23 4.12
N LYS C 183 -17.39 42.12 2.88
CA LYS C 183 -17.56 43.28 2.03
C LYS C 183 -19.02 43.63 1.75
N SER C 184 -19.97 42.91 2.36
CA SER C 184 -21.38 43.15 2.15
C SER C 184 -22.01 43.96 3.27
N LYS C 185 -21.20 44.60 4.12
CA LYS C 185 -21.70 45.53 5.13
C LYS C 185 -22.73 44.87 6.05
N GLY C 186 -22.57 43.58 6.32
CA GLY C 186 -23.48 42.85 7.17
C GLY C 186 -24.73 42.35 6.48
N LYS C 187 -24.80 42.42 5.16
CA LYS C 187 -26.00 42.05 4.43
C LYS C 187 -25.91 40.66 3.80
N TYR C 188 -24.83 39.92 4.05
CA TYR C 188 -24.70 38.56 3.54
C TYR C 188 -24.16 37.67 4.65
N ALA C 189 -24.84 36.54 4.87
CA ALA C 189 -24.39 35.52 5.80
C ALA C 189 -23.98 34.28 5.02
N TYR C 190 -22.90 33.65 5.46
CA TYR C 190 -22.32 32.51 4.75
C TYR C 190 -22.51 31.25 5.58
N LEU C 191 -23.06 30.22 4.95
CA LEU C 191 -23.25 28.91 5.58
C LEU C 191 -22.05 28.04 5.26
N LEU C 192 -21.27 27.69 6.27
CA LEU C 192 -20.06 26.91 6.08
C LEU C 192 -19.83 26.02 7.30
N GLU C 193 -18.88 25.11 7.17
CA GLU C 193 -18.62 24.15 8.23
C GLU C 193 -17.91 24.83 9.40
N SER C 194 -18.26 24.37 10.61
CA SER C 194 -17.82 25.03 11.83
C SER C 194 -16.30 25.13 11.90
N THR C 195 -15.59 24.14 11.38
CA THR C 195 -14.12 24.16 11.41
C THR C 195 -13.59 25.47 10.82
N MET C 196 -13.91 25.74 9.55
CA MET C 196 -13.43 26.96 8.92
C MET C 196 -14.04 28.19 9.59
N ASN C 197 -15.29 28.11 10.03
CA ASN C 197 -15.94 29.25 10.66
C ASN C 197 -15.17 29.69 11.91
N GLU C 198 -14.83 28.72 12.78
CA GLU C 198 -14.06 29.05 13.97
C GLU C 198 -12.64 29.48 13.61
N TYR C 199 -12.07 28.87 12.58
CA TYR C 199 -10.71 29.20 12.19
C TYR C 199 -10.60 30.65 11.73
N ILE C 200 -11.55 31.10 10.90
CA ILE C 200 -11.53 32.47 10.41
C ILE C 200 -11.85 33.45 11.54
N GLU C 201 -12.74 33.06 12.45
CA GLU C 201 -13.18 33.98 13.50
C GLU C 201 -12.00 34.44 14.35
N GLN C 202 -11.05 33.54 14.63
CA GLN C 202 -9.97 33.82 15.56
C GLN C 202 -8.75 34.46 14.90
N ARG C 203 -8.87 34.89 13.64
CA ARG C 203 -7.76 35.49 12.92
C ARG C 203 -8.18 36.80 12.29
N LYS C 204 -7.20 37.68 12.10
CA LYS C 204 -7.44 39.00 11.54
C LYS C 204 -8.10 38.88 10.16
N PRO C 205 -8.84 39.91 9.74
CA PRO C 205 -9.09 41.20 10.40
C PRO C 205 -10.08 41.16 11.57
N CYS C 206 -10.49 39.97 11.99
CA CYS C 206 -11.33 39.81 13.18
C CYS C 206 -12.69 40.49 13.01
N ASP C 207 -13.25 40.43 11.80
CA ASP C 207 -14.52 41.08 11.49
C ASP C 207 -15.66 40.11 11.27
N THR C 208 -15.45 38.80 11.46
CA THR C 208 -16.51 37.82 11.36
C THR C 208 -16.65 37.06 12.68
N MET C 209 -17.77 36.37 12.81
CA MET C 209 -17.99 35.54 13.98
C MET C 209 -18.96 34.42 13.64
N LYS C 210 -18.84 33.32 14.37
CA LYS C 210 -19.77 32.20 14.27
C LYS C 210 -20.94 32.43 15.22
N VAL C 211 -22.15 32.14 14.76
CA VAL C 211 -23.36 32.37 15.54
C VAL C 211 -24.20 31.10 15.51
N GLY C 212 -24.87 30.83 16.64
CA GLY C 212 -25.74 29.67 16.74
C GLY C 212 -25.00 28.37 16.87
N GLY C 213 -25.71 27.31 17.23
CA GLY C 213 -25.12 25.98 17.23
C GLY C 213 -25.05 25.40 15.83
N ASN C 214 -24.38 24.27 15.72
CA ASN C 214 -24.22 23.62 14.44
C ASN C 214 -25.55 23.09 13.95
N LEU C 215 -25.77 23.14 12.63
CA LEU C 215 -27.01 22.65 12.04
C LEU C 215 -27.04 21.12 11.93
N ASP C 216 -25.89 20.46 11.98
CA ASP C 216 -25.83 19.01 11.88
C ASP C 216 -24.49 18.55 12.44
N SER C 217 -24.29 17.23 12.46
CA SER C 217 -23.07 16.61 12.97
C SER C 217 -22.46 15.74 11.87
N LYS C 218 -21.23 16.04 11.51
CA LYS C 218 -20.55 15.38 10.39
C LYS C 218 -19.11 15.09 10.78
N GLY C 219 -18.39 14.46 9.86
CA GLY C 219 -16.96 14.27 10.02
C GLY C 219 -16.26 14.29 8.68
N TYR C 220 -14.95 14.55 8.74
CA TYR C 220 -14.09 14.44 7.58
C TYR C 220 -13.52 13.03 7.52
N GLY C 221 -13.48 12.46 6.31
CA GLY C 221 -12.90 11.15 6.11
C GLY C 221 -11.97 11.15 4.92
N ILE C 222 -11.08 10.16 4.90
CA ILE C 222 -10.20 9.92 3.78
C ILE C 222 -10.93 9.05 2.77
N ALA C 223 -10.98 9.49 1.52
CA ALA C 223 -11.78 8.85 0.49
C ALA C 223 -10.92 8.02 -0.45
N THR C 224 -11.48 6.93 -0.93
CA THR C 224 -10.87 6.09 -1.95
C THR C 224 -11.95 5.63 -2.90
N PRO C 225 -11.59 5.29 -4.14
CA PRO C 225 -12.61 4.78 -5.08
C PRO C 225 -13.09 3.40 -4.68
N LYS C 226 -14.31 3.08 -5.10
CA LYS C 226 -14.90 1.77 -4.80
C LYS C 226 -13.98 0.66 -5.30
N GLY C 227 -13.81 -0.37 -4.47
CA GLY C 227 -13.01 -1.51 -4.83
C GLY C 227 -11.51 -1.29 -4.79
N SER C 228 -11.05 -0.17 -4.27
CA SER C 228 -9.61 0.10 -4.20
C SER C 228 -8.94 -0.85 -3.21
N SER C 229 -7.72 -1.25 -3.53
CA SER C 229 -6.94 -2.08 -2.61
C SER C 229 -6.45 -1.28 -1.41
N LEU C 230 -6.48 0.05 -1.47
CA LEU C 230 -6.03 0.88 -0.37
C LEU C 230 -7.11 1.12 0.68
N GLY C 231 -8.38 0.88 0.34
CA GLY C 231 -9.46 1.27 1.22
C GLY C 231 -9.31 0.73 2.63
N ASN C 232 -9.07 -0.58 2.75
CA ASN C 232 -9.03 -1.19 4.07
C ASN C 232 -7.80 -0.75 4.85
N ALA C 233 -6.64 -0.69 4.18
CA ALA C 233 -5.42 -0.28 4.87
C ALA C 233 -5.52 1.16 5.36
N VAL C 234 -6.10 2.05 4.56
CA VAL C 234 -6.22 3.44 4.96
C VAL C 234 -7.15 3.58 6.16
N ASN C 235 -8.23 2.80 6.19
CA ASN C 235 -9.15 2.86 7.33
C ASN C 235 -8.44 2.50 8.63
N LEU C 236 -7.69 1.40 8.62
CA LEU C 236 -6.98 0.98 9.83
C LEU C 236 -5.90 2.00 10.20
N ALA C 237 -5.24 2.59 9.20
CA ALA C 237 -4.25 3.62 9.48
C ALA C 237 -4.87 4.78 10.23
N VAL C 238 -6.05 5.24 9.81
CA VAL C 238 -6.73 6.33 10.50
C VAL C 238 -7.00 5.94 11.95
N LEU C 239 -7.54 4.74 12.17
CA LEU C 239 -7.84 4.29 13.53
C LEU C 239 -6.56 4.20 14.36
N LYS C 240 -5.48 3.71 13.77
CA LYS C 240 -4.22 3.61 14.51
C LYS C 240 -3.69 4.99 14.87
N LEU C 241 -3.67 5.91 13.90
CA LEU C 241 -3.17 7.25 14.18
C LEU C 241 -3.99 7.94 15.26
N ASN C 242 -5.30 7.71 15.26
CA ASN C 242 -6.14 8.26 16.33
C ASN C 242 -5.75 7.67 17.68
N GLU C 243 -5.63 6.34 17.74
CA GLU C 243 -5.30 5.69 19.01
C GLU C 243 -3.94 6.13 19.52
N GLN C 244 -2.98 6.30 18.62
CA GLN C 244 -1.64 6.71 19.01
C GLN C 244 -1.55 8.19 19.39
N GLY C 245 -2.62 8.95 19.17
CA GLY C 245 -2.64 10.36 19.52
C GLY C 245 -2.08 11.31 18.48
N LEU C 246 -1.84 10.84 17.25
CA LEU C 246 -1.28 11.72 16.24
C LEU C 246 -2.29 12.77 15.80
N LEU C 247 -3.55 12.35 15.58
CA LEU C 247 -4.56 13.31 15.13
C LEU C 247 -4.66 14.48 16.09
N ASP C 248 -4.59 14.21 17.40
CA ASP C 248 -4.58 15.31 18.37
C ASP C 248 -3.32 16.15 18.24
N LYS C 249 -2.19 15.52 17.90
CA LYS C 249 -0.95 16.28 17.74
C LYS C 249 -1.01 17.20 16.53
N LEU C 250 -1.56 16.72 15.42
CA LEU C 250 -1.71 17.57 14.24
C LEU C 250 -2.64 18.74 14.53
N LYS C 251 -3.72 18.49 15.26
CA LYS C 251 -4.63 19.56 15.66
C LYS C 251 -3.88 20.62 16.45
N ASN C 252 -3.19 20.22 17.52
CA ASN C 252 -2.41 21.18 18.29
C ASN C 252 -1.39 21.90 17.42
N LYS C 253 -0.81 21.18 16.45
CA LYS C 253 0.27 21.76 15.65
C LYS C 253 -0.23 22.83 14.70
N TRP C 254 -1.42 22.63 14.11
CA TRP C 254 -1.84 23.42 12.96
C TRP C 254 -3.03 24.32 13.21
N TRP C 255 -3.76 24.16 14.32
CA TRP C 255 -5.09 24.73 14.47
CA TRP C 255 -5.06 24.78 14.41
C TRP C 255 -5.10 26.03 15.27
N TYR C 256 -4.49 26.04 16.45
CA TYR C 256 -4.73 27.11 17.40
C TYR C 256 -4.13 28.44 16.93
N ASP C 257 -4.92 29.49 17.06
CA ASP C 257 -4.56 30.84 16.67
C ASP C 257 -3.61 31.46 17.71
N LYS C 258 -3.06 32.62 17.34
CA LYS C 258 -2.16 33.37 18.22
C LYS C 258 -2.87 34.51 18.93
N GLY C 259 -4.17 34.37 19.19
CA GLY C 259 -4.91 35.36 19.95
C GLY C 259 -4.89 36.74 19.32
N GLU C 260 -5.17 36.82 18.02
CA GLU C 260 -5.21 38.11 17.34
C GLU C 260 -6.53 38.84 17.56
N CYS C 261 -7.60 38.13 17.85
CA CYS C 261 -8.92 38.74 18.03
C CYS C 261 -9.31 38.76 19.50
N ALA D 2 31.65 -25.40 -32.16
CA ALA D 2 31.41 -24.79 -33.46
C ALA D 2 32.39 -25.33 -34.49
N ASN D 3 32.00 -25.29 -35.77
CA ASN D 3 32.83 -25.82 -36.84
C ASN D 3 33.54 -24.72 -37.64
N LYS D 4 33.10 -23.48 -37.55
CA LYS D 4 33.75 -22.36 -38.21
C LYS D 4 34.14 -21.30 -37.18
N THR D 5 34.84 -20.27 -37.66
CA THR D 5 35.05 -19.08 -36.84
C THR D 5 33.72 -18.39 -36.61
N VAL D 6 33.36 -18.19 -35.34
CA VAL D 6 32.06 -17.63 -35.00
C VAL D 6 32.03 -16.15 -35.39
N VAL D 7 30.97 -15.75 -36.06
CA VAL D 7 30.76 -14.35 -36.42
C VAL D 7 29.89 -13.73 -35.33
N VAL D 8 30.46 -12.78 -34.59
CA VAL D 8 29.77 -12.09 -33.51
C VAL D 8 29.35 -10.72 -34.03
N THR D 9 28.06 -10.44 -33.99
CA THR D 9 27.56 -9.13 -34.33
C THR D 9 27.32 -8.34 -33.06
N THR D 10 27.66 -7.05 -33.10
CA THR D 10 27.44 -6.16 -31.98
C THR D 10 27.23 -4.75 -32.53
N ILE D 11 27.09 -3.79 -31.62
CA ILE D 11 26.74 -2.42 -31.97
C ILE D 11 27.65 -1.48 -31.21
N LEU D 12 28.10 -0.42 -31.88
CA LEU D 12 29.01 0.56 -31.26
C LEU D 12 28.22 1.43 -30.29
N GLU D 13 28.26 1.05 -29.01
CA GLU D 13 27.55 1.77 -27.95
C GLU D 13 28.44 1.76 -26.72
N SER D 14 29.00 2.91 -26.37
CA SER D 14 29.83 3.02 -25.17
C SER D 14 28.96 2.81 -23.93
N PRO D 15 29.48 2.12 -22.90
CA PRO D 15 30.80 1.48 -22.78
C PRO D 15 30.80 -0.01 -23.12
N TYR D 16 29.82 -0.45 -23.92
CA TYR D 16 29.76 -1.86 -24.28
C TYR D 16 30.78 -2.20 -25.37
N VAL D 17 30.79 -1.42 -26.46
CA VAL D 17 31.75 -1.61 -27.53
C VAL D 17 32.23 -0.23 -27.98
N MET D 18 33.55 -0.05 -28.00
CA MET D 18 34.15 1.22 -28.36
C MET D 18 35.37 0.97 -29.23
N MET D 19 35.62 1.91 -30.15
CA MET D 19 36.86 1.88 -30.91
C MET D 19 38.02 2.30 -30.02
N LYS D 20 39.10 1.54 -30.04
CA LYS D 20 40.30 1.93 -29.32
C LYS D 20 40.87 3.22 -29.92
N LYS D 21 41.55 4.00 -29.07
CA LYS D 21 42.16 5.24 -29.53
C LYS D 21 43.00 5.02 -30.78
N ASN D 22 43.71 3.90 -30.86
CA ASN D 22 44.63 3.59 -31.95
C ASN D 22 44.11 2.44 -32.80
N HIS D 23 42.79 2.36 -32.98
CA HIS D 23 42.21 1.24 -33.72
C HIS D 23 42.74 1.17 -35.14
N GLU D 24 43.05 2.31 -35.74
CA GLU D 24 43.56 2.33 -37.11
C GLU D 24 44.83 1.51 -37.28
N MET D 25 45.57 1.29 -36.19
CA MET D 25 46.82 0.52 -36.24
C MET D 25 46.62 -0.93 -35.79
N LEU D 26 45.39 -1.35 -35.52
CA LEU D 26 45.12 -2.65 -34.95
C LEU D 26 44.32 -3.52 -35.91
N GLU D 27 44.37 -4.83 -35.68
CA GLU D 27 43.75 -5.81 -36.55
C GLU D 27 42.65 -6.56 -35.82
N GLY D 28 41.61 -6.92 -36.56
CA GLY D 28 40.57 -7.79 -36.04
C GLY D 28 39.98 -7.31 -34.73
N ASN D 29 39.83 -8.25 -33.80
CA ASN D 29 39.16 -7.96 -32.54
C ASN D 29 39.92 -6.96 -31.67
N GLU D 30 41.23 -6.81 -31.88
CA GLU D 30 42.02 -5.87 -31.09
C GLU D 30 41.60 -4.42 -31.31
N ARG D 31 40.81 -4.14 -32.33
CA ARG D 31 40.38 -2.77 -32.59
C ARG D 31 39.40 -2.25 -31.55
N TYR D 32 38.70 -3.13 -30.86
CA TYR D 32 37.58 -2.74 -30.01
C TYR D 32 37.91 -2.95 -28.54
N GLU D 33 37.08 -2.34 -27.69
CA GLU D 33 37.19 -2.51 -26.24
C GLU D 33 35.86 -2.15 -25.61
N GLY D 34 35.61 -2.72 -24.43
CA GLY D 34 34.40 -2.42 -23.71
C GLY D 34 33.84 -3.63 -22.98
N TYR D 35 32.71 -3.43 -22.30
CA TYR D 35 32.08 -4.50 -21.53
C TYR D 35 31.80 -5.71 -22.42
N CYS D 36 31.19 -5.49 -23.59
CA CYS D 36 30.79 -6.61 -24.42
C CYS D 36 31.98 -7.21 -25.15
N VAL D 37 33.03 -6.43 -25.38
CA VAL D 37 34.25 -6.98 -25.97
C VAL D 37 34.89 -7.97 -25.01
N ASP D 38 34.98 -7.60 -23.72
CA ASP D 38 35.47 -8.53 -22.71
C ASP D 38 34.54 -9.73 -22.57
N LEU D 39 33.23 -9.49 -22.60
CA LEU D 39 32.28 -10.57 -22.39
C LEU D 39 32.37 -11.61 -23.51
N ALA D 40 32.60 -11.16 -24.74
CA ALA D 40 32.73 -12.09 -25.85
C ALA D 40 33.96 -12.98 -25.68
N ALA D 41 35.09 -12.37 -25.29
CA ALA D 41 36.29 -13.17 -25.04
C ALA D 41 36.04 -14.24 -23.99
N GLU D 42 35.27 -13.89 -22.95
CA GLU D 42 35.03 -14.84 -21.86
C GLU D 42 34.03 -15.90 -22.27
N ILE D 43 33.01 -15.53 -23.04
CA ILE D 43 32.07 -16.53 -23.56
C ILE D 43 32.79 -17.48 -24.52
N ALA D 44 33.57 -16.92 -25.45
CA ALA D 44 34.29 -17.75 -26.40
C ALA D 44 35.28 -18.66 -25.70
N LYS D 45 35.90 -18.16 -24.62
CA LYS D 45 36.85 -18.97 -23.87
C LYS D 45 36.17 -20.17 -23.20
N HIS D 46 34.99 -19.95 -22.61
CA HIS D 46 34.30 -21.01 -21.90
C HIS D 46 33.45 -21.89 -22.81
N CYS D 47 33.31 -21.54 -24.08
CA CYS D 47 32.65 -22.40 -25.04
C CYS D 47 33.61 -23.08 -26.01
N GLY D 48 34.85 -22.60 -26.10
CA GLY D 48 35.86 -23.24 -26.92
C GLY D 48 35.69 -23.01 -28.41
N PHE D 49 35.57 -21.75 -28.83
CA PHE D 49 35.53 -21.44 -30.25
C PHE D 49 36.29 -20.15 -30.50
N LYS D 50 36.75 -20.01 -31.75
CA LYS D 50 37.29 -18.75 -32.22
C LYS D 50 36.15 -17.87 -32.72
N TYR D 51 36.36 -16.56 -32.68
CA TYR D 51 35.31 -15.62 -33.05
C TYR D 51 35.91 -14.39 -33.71
N LYS D 52 35.11 -13.74 -34.54
CA LYS D 52 35.45 -12.47 -35.15
C LYS D 52 34.36 -11.46 -34.81
N LEU D 53 34.75 -10.36 -34.15
CA LEU D 53 33.80 -9.31 -33.82
C LEU D 53 33.49 -8.48 -35.06
N THR D 54 32.20 -8.26 -35.30
CA THR D 54 31.73 -7.42 -36.40
C THR D 54 30.68 -6.46 -35.87
N ILE D 55 30.63 -5.27 -36.49
CA ILE D 55 29.62 -4.27 -36.16
C ILE D 55 28.44 -4.46 -37.09
N VAL D 56 27.23 -4.50 -36.52
CA VAL D 56 26.03 -4.71 -37.31
C VAL D 56 25.99 -3.68 -38.44
N GLY D 57 25.73 -4.15 -39.65
CA GLY D 57 25.85 -3.30 -40.82
C GLY D 57 24.96 -2.07 -40.76
N ASP D 58 23.67 -2.27 -40.48
CA ASP D 58 22.73 -1.16 -40.50
C ASP D 58 22.71 -0.36 -39.19
N GLY D 59 23.54 -0.74 -38.22
CA GLY D 59 23.62 0.01 -36.97
C GLY D 59 22.35 -0.01 -36.16
N LYS D 60 21.54 -1.06 -36.27
CA LYS D 60 20.26 -1.15 -35.58
C LYS D 60 20.24 -2.34 -34.63
N TYR D 61 19.44 -2.20 -33.57
CA TYR D 61 19.27 -3.31 -32.63
C TYR D 61 18.42 -4.41 -33.25
N GLY D 62 17.23 -4.07 -33.72
CA GLY D 62 16.38 -5.06 -34.36
C GLY D 62 14.90 -4.71 -34.32
N ALA D 63 14.29 -4.57 -35.49
CA ALA D 63 12.87 -4.32 -35.61
C ALA D 63 12.30 -5.16 -36.75
N ARG D 64 10.98 -5.35 -36.71
CA ARG D 64 10.26 -6.20 -37.64
C ARG D 64 9.30 -5.34 -38.45
N ASP D 65 9.46 -5.36 -39.77
CA ASP D 65 8.52 -4.64 -40.63
C ASP D 65 7.16 -5.34 -40.60
N ALA D 66 6.12 -4.57 -40.27
CA ALA D 66 4.80 -5.17 -40.11
C ALA D 66 4.29 -5.78 -41.41
N ASP D 67 4.65 -5.22 -42.55
CA ASP D 67 4.11 -5.69 -43.83
C ASP D 67 4.85 -6.93 -44.32
N THR D 68 6.19 -6.88 -44.39
CA THR D 68 6.97 -7.97 -44.96
C THR D 68 7.42 -9.01 -43.95
N LYS D 69 7.39 -8.69 -42.66
CA LYS D 69 7.91 -9.53 -41.60
C LYS D 69 9.44 -9.60 -41.61
N ILE D 70 10.09 -8.78 -42.43
CA ILE D 70 11.55 -8.76 -42.48
C ILE D 70 12.10 -8.11 -41.21
N TRP D 71 13.13 -8.71 -40.64
CA TRP D 71 13.86 -8.15 -39.51
C TRP D 71 15.10 -7.41 -39.99
N ASN D 72 15.52 -6.42 -39.21
CA ASN D 72 16.76 -5.72 -39.48
C ASN D 72 17.63 -5.71 -38.22
N GLY D 73 18.76 -4.98 -38.26
CA GLY D 73 19.61 -4.89 -37.11
C GLY D 73 20.30 -6.22 -36.79
N MET D 74 20.74 -6.33 -35.54
CA MET D 74 21.41 -7.55 -35.09
C MET D 74 20.46 -8.74 -35.15
N VAL D 75 19.16 -8.52 -34.88
CA VAL D 75 18.21 -9.62 -34.97
C VAL D 75 18.17 -10.17 -36.39
N GLY D 76 18.04 -9.28 -37.38
CA GLY D 76 18.03 -9.73 -38.76
C GLY D 76 19.28 -10.49 -39.15
N GLU D 77 20.44 -10.01 -38.69
CA GLU D 77 21.69 -10.70 -39.01
C GLU D 77 21.71 -12.13 -38.48
N LEU D 78 21.01 -12.39 -37.38
CA LEU D 78 20.92 -13.76 -36.88
C LEU D 78 19.87 -14.56 -37.65
N VAL D 79 18.76 -13.94 -37.99
CA VAL D 79 17.66 -14.64 -38.65
C VAL D 79 18.06 -15.07 -40.06
N TYR D 80 18.84 -14.25 -40.76
CA TYR D 80 19.13 -14.49 -42.18
C TYR D 80 20.57 -14.97 -42.40
N GLY D 81 21.24 -15.44 -41.36
CA GLY D 81 22.50 -16.14 -41.53
C GLY D 81 23.72 -15.27 -41.73
N LYS D 82 23.65 -13.98 -41.40
CA LYS D 82 24.80 -13.11 -41.53
C LYS D 82 25.70 -13.14 -40.31
N ALA D 83 25.19 -13.57 -39.16
CA ALA D 83 25.98 -13.65 -37.94
C ALA D 83 25.57 -14.91 -37.17
N ASP D 84 26.49 -15.39 -36.34
CA ASP D 84 26.27 -16.58 -35.55
C ASP D 84 25.77 -16.28 -34.14
N ILE D 85 26.07 -15.09 -33.61
CA ILE D 85 25.74 -14.77 -32.23
C ILE D 85 25.77 -13.25 -32.10
N ALA D 86 24.92 -12.73 -31.22
CA ALA D 86 24.87 -11.31 -30.95
C ALA D 86 25.25 -11.07 -29.49
N ILE D 87 26.33 -10.33 -29.28
CA ILE D 87 26.80 -9.97 -27.95
C ILE D 87 26.72 -8.44 -27.89
N ALA D 88 25.63 -7.94 -27.32
CA ALA D 88 25.34 -6.52 -27.31
C ALA D 88 24.33 -6.25 -26.21
N PRO D 89 24.06 -4.98 -25.89
CA PRO D 89 22.93 -4.68 -25.01
C PRO D 89 21.60 -4.91 -25.71
N LEU D 90 21.33 -6.16 -26.07
CA LEU D 90 20.15 -6.53 -26.82
C LEU D 90 19.07 -7.01 -25.86
N THR D 91 17.90 -6.38 -25.91
CA THR D 91 16.86 -6.62 -24.93
C THR D 91 16.05 -7.86 -25.25
N ILE D 92 15.86 -8.71 -24.25
CA ILE D 92 15.02 -9.91 -24.39
C ILE D 92 13.57 -9.47 -24.49
N THR D 93 12.90 -9.88 -25.55
CA THR D 93 11.49 -9.56 -25.75
C THR D 93 10.75 -10.76 -26.29
N LEU D 94 9.45 -10.83 -25.99
CA LEU D 94 8.62 -11.93 -26.46
C LEU D 94 8.68 -12.07 -27.97
N VAL D 95 8.51 -10.96 -28.70
CA VAL D 95 8.47 -11.00 -30.15
C VAL D 95 9.81 -11.50 -30.70
N ARG D 96 10.91 -11.02 -30.13
CA ARG D 96 12.22 -11.49 -30.58
C ARG D 96 12.45 -12.95 -30.24
N GLU D 97 11.98 -13.38 -29.07
CA GLU D 97 12.15 -14.77 -28.65
C GLU D 97 11.45 -15.75 -29.58
N GLU D 98 10.59 -15.28 -30.47
CA GLU D 98 9.90 -16.14 -31.41
C GLU D 98 10.67 -16.37 -32.71
N VAL D 99 11.73 -15.60 -32.94
CA VAL D 99 12.56 -15.79 -34.13
C VAL D 99 14.02 -16.06 -33.79
N ILE D 100 14.48 -15.77 -32.57
CA ILE D 100 15.85 -16.05 -32.15
C ILE D 100 15.82 -16.57 -30.72
N ASP D 101 16.94 -17.12 -30.29
CA ASP D 101 17.11 -17.62 -28.93
C ASP D 101 17.92 -16.64 -28.10
N PHE D 102 17.56 -16.51 -26.83
CA PHE D 102 18.28 -15.67 -25.88
C PHE D 102 18.83 -16.53 -24.76
N SER D 103 20.01 -16.17 -24.28
CA SER D 103 20.51 -16.72 -23.04
C SER D 103 19.80 -16.05 -21.87
N LYS D 104 20.01 -16.61 -20.68
CA LYS D 104 19.54 -15.94 -19.48
C LYS D 104 20.15 -14.54 -19.41
N PRO D 105 19.42 -13.56 -18.87
CA PRO D 105 19.92 -12.19 -18.90
C PRO D 105 21.22 -12.04 -18.11
N PHE D 106 22.14 -11.26 -18.66
CA PHE D 106 23.37 -10.89 -17.98
C PHE D 106 23.33 -9.50 -17.38
N MET D 107 22.22 -8.78 -17.56
CA MET D 107 22.09 -7.42 -17.05
C MET D 107 20.62 -7.01 -17.13
N SER D 108 20.16 -6.24 -16.15
CA SER D 108 18.78 -5.84 -16.04
C SER D 108 18.62 -4.37 -16.41
N LEU D 109 17.39 -3.99 -16.77
CA LEU D 109 17.09 -2.62 -17.15
C LEU D 109 15.58 -2.46 -17.24
N GLY D 110 15.16 -1.22 -17.45
CA GLY D 110 13.77 -0.92 -17.74
C GLY D 110 13.69 0.35 -18.56
N ILE D 111 12.52 0.55 -19.17
CA ILE D 111 12.29 1.77 -19.93
C ILE D 111 12.21 2.95 -18.97
N SER D 112 12.90 4.03 -19.31
CA SER D 112 12.98 5.20 -18.44
C SER D 112 12.86 6.46 -19.30
N ILE D 113 12.75 7.61 -18.63
CA ILE D 113 12.55 8.89 -19.27
C ILE D 113 13.80 9.74 -19.06
N MET D 114 14.33 10.30 -20.14
CA MET D 114 15.41 11.28 -20.07
C MET D 114 14.85 12.66 -20.39
N ILE D 115 15.18 13.64 -19.55
CA ILE D 115 14.79 15.03 -19.77
C ILE D 115 16.01 15.91 -19.63
N LYS D 116 15.90 17.11 -20.19
CA LYS D 116 16.89 18.15 -19.96
C LYS D 116 16.65 18.80 -18.61
N LYS D 117 17.72 19.05 -17.86
CA LYS D 117 17.60 19.62 -16.53
C LYS D 117 16.72 20.87 -16.56
N GLY D 118 15.71 20.88 -15.69
CA GLY D 118 14.76 21.98 -15.63
C GLY D 118 13.42 21.70 -16.27
N THR D 119 13.25 20.55 -16.91
CA THR D 119 11.97 20.24 -17.55
C THR D 119 10.94 19.83 -16.50
N PRO D 120 9.64 20.40 -16.57
CA PRO D 120 8.60 20.02 -15.59
C PRO D 120 7.92 18.71 -15.95
N ILE D 121 8.68 17.62 -15.83
CA ILE D 121 8.18 16.27 -16.08
C ILE D 121 8.79 15.34 -15.04
N GLU D 122 7.99 14.39 -14.56
CA GLU D 122 8.43 13.45 -13.54
C GLU D 122 8.07 12.00 -13.84
N SER D 123 7.10 11.73 -14.70
CA SER D 123 6.68 10.36 -14.98
C SER D 123 6.08 10.29 -16.38
N ALA D 124 5.83 9.05 -16.82
CA ALA D 124 5.15 8.86 -18.09
C ALA D 124 3.71 9.36 -18.03
N GLU D 125 3.07 9.25 -16.87
CA GLU D 125 1.74 9.83 -16.69
C GLU D 125 1.77 11.33 -16.94
N ASP D 126 2.82 12.01 -16.45
CA ASP D 126 2.96 13.43 -16.72
C ASP D 126 3.08 13.70 -18.21
N LEU D 127 3.89 12.90 -18.91
CA LEU D 127 4.09 13.13 -20.35
C LEU D 127 2.80 12.98 -21.12
N SER D 128 2.00 11.94 -20.80
CA SER D 128 0.79 11.67 -21.57
C SER D 128 -0.33 12.67 -21.29
N LYS D 129 -0.24 13.42 -20.20
CA LYS D 129 -1.27 14.37 -19.81
C LYS D 129 -0.95 15.81 -20.19
N GLN D 130 0.03 16.03 -21.06
CA GLN D 130 0.45 17.37 -21.42
C GLN D 130 0.79 17.41 -22.91
N THR D 131 0.88 18.63 -23.44
CA THR D 131 1.19 18.84 -24.86
C THR D 131 2.27 19.90 -25.06
N GLU D 132 2.94 20.34 -24.00
CA GLU D 132 4.01 21.33 -24.13
C GLU D 132 5.36 20.69 -24.42
N ILE D 133 5.55 19.43 -24.06
CA ILE D 133 6.84 18.75 -24.19
C ILE D 133 6.63 17.52 -25.07
N ALA D 134 7.29 17.51 -26.22
CA ALA D 134 7.24 16.34 -27.09
C ALA D 134 8.13 15.23 -26.54
N TYR D 135 7.82 14.00 -26.95
CA TYR D 135 8.61 12.87 -26.49
C TYR D 135 8.53 11.74 -27.52
N GLY D 136 9.58 10.93 -27.55
CA GLY D 136 9.68 9.83 -28.47
C GLY D 136 10.75 8.85 -28.05
N THR D 137 11.07 7.94 -28.97
CA THR D 137 12.00 6.86 -28.65
C THR D 137 12.69 6.41 -29.93
N LEU D 138 13.65 5.49 -29.75
CA LEU D 138 14.29 4.84 -30.87
C LEU D 138 13.26 4.05 -31.68
N ASP D 139 13.33 4.16 -33.00
CA ASP D 139 12.31 3.58 -33.86
C ASP D 139 12.51 2.09 -34.12
N SER D 140 13.72 1.58 -33.98
CA SER D 140 14.06 0.22 -34.41
C SER D 140 14.51 -0.65 -33.25
N GLY D 141 13.91 -0.46 -32.07
CA GLY D 141 14.33 -1.17 -30.89
C GLY D 141 13.20 -1.78 -30.09
N SER D 142 13.52 -2.32 -28.93
CA SER D 142 12.53 -2.97 -28.09
C SER D 142 11.53 -1.97 -27.51
N THR D 143 11.96 -0.73 -27.29
CA THR D 143 11.05 0.26 -26.71
C THR D 143 9.90 0.57 -27.65
N LYS D 144 10.19 0.77 -28.94
CA LYS D 144 9.14 0.94 -29.92
C LYS D 144 8.20 -0.27 -29.90
N GLU D 145 8.77 -1.47 -29.90
CA GLU D 145 7.96 -2.68 -29.84
C GLU D 145 7.08 -2.69 -28.59
N PHE D 146 7.62 -2.24 -27.46
CA PHE D 146 6.85 -2.25 -26.21
C PHE D 146 5.63 -1.34 -26.32
N PHE D 147 5.83 -0.11 -26.80
CA PHE D 147 4.71 0.83 -26.89
C PHE D 147 3.74 0.42 -27.98
N ARG D 148 4.24 -0.12 -29.09
CA ARG D 148 3.37 -0.56 -30.18
C ARG D 148 2.38 -1.63 -29.71
N ARG D 149 2.83 -2.53 -28.84
CA ARG D 149 2.04 -3.69 -28.44
C ARG D 149 1.25 -3.49 -27.16
N SER D 150 1.57 -2.46 -26.37
CA SER D 150 1.03 -2.36 -25.02
C SER D 150 -0.46 -2.13 -25.03
N LYS D 151 -1.20 -2.97 -24.32
CA LYS D 151 -2.62 -2.75 -24.06
C LYS D 151 -2.85 -1.82 -22.87
N ILE D 152 -1.80 -1.50 -22.12
CA ILE D 152 -1.93 -0.63 -20.96
C ILE D 152 -2.31 0.77 -21.42
N ALA D 153 -3.31 1.36 -20.76
CA ALA D 153 -3.94 2.57 -21.26
C ALA D 153 -2.93 3.70 -21.46
N VAL D 154 -2.16 4.02 -20.42
CA VAL D 154 -1.25 5.17 -20.51
C VAL D 154 -0.23 4.96 -21.61
N PHE D 155 0.27 3.73 -21.77
CA PHE D 155 1.29 3.47 -22.79
C PHE D 155 0.68 3.44 -24.18
N ASP D 156 -0.53 2.90 -24.32
CA ASP D 156 -1.20 2.95 -25.61
C ASP D 156 -1.44 4.39 -26.03
N LYS D 157 -1.90 5.23 -25.11
CA LYS D 157 -2.10 6.64 -25.40
C LYS D 157 -0.80 7.29 -25.87
N MET D 158 0.31 6.97 -25.23
CA MET D 158 1.59 7.52 -25.65
C MET D 158 1.97 7.04 -27.04
N TRP D 159 1.75 5.76 -27.33
CA TRP D 159 2.05 5.23 -28.67
C TRP D 159 1.23 5.95 -29.73
N THR D 160 -0.07 6.10 -29.49
CA THR D 160 -0.92 6.80 -30.45
C THR D 160 -0.40 8.21 -30.71
N TYR D 161 0.05 8.90 -29.67
CA TYR D 161 0.60 10.24 -29.87
C TYR D 161 1.89 10.21 -30.67
N MET D 162 2.79 9.26 -30.35
CA MET D 162 4.13 9.29 -30.93
C MET D 162 4.08 9.08 -32.44
N ARG D 163 3.34 8.08 -32.91
CA ARG D 163 3.33 7.76 -34.33
C ARG D 163 2.61 8.80 -35.17
N SER D 164 1.81 9.66 -34.55
CA SER D 164 1.07 10.69 -35.28
C SER D 164 1.70 12.07 -35.15
N ALA D 165 2.77 12.20 -34.38
CA ALA D 165 3.37 13.52 -34.17
C ALA D 165 4.08 13.99 -35.43
N GLU D 166 4.01 15.31 -35.67
CA GLU D 166 4.72 15.94 -36.78
C GLU D 166 5.33 17.25 -36.28
N PRO D 167 6.67 17.42 -36.44
CA PRO D 167 7.63 16.49 -37.03
C PRO D 167 7.79 15.21 -36.21
N SER D 168 8.34 14.17 -36.84
CA SER D 168 8.47 12.89 -36.17
C SER D 168 9.23 13.04 -34.87
N VAL D 169 8.74 12.35 -33.82
CA VAL D 169 9.42 12.33 -32.54
C VAL D 169 10.30 11.10 -32.38
N PHE D 170 10.32 10.20 -33.36
CA PHE D 170 11.21 9.06 -33.31
C PHE D 170 12.62 9.49 -33.69
N VAL D 171 13.59 8.72 -33.19
CA VAL D 171 14.98 8.87 -33.58
C VAL D 171 15.47 7.52 -34.07
N ARG D 172 16.50 7.54 -34.92
CA ARG D 172 17.01 6.31 -35.53
C ARG D 172 18.28 5.80 -34.87
N THR D 173 18.87 6.55 -33.94
CA THR D 173 19.93 6.04 -33.07
C THR D 173 19.71 6.59 -31.67
N THR D 174 20.28 5.90 -30.70
CA THR D 174 20.19 6.37 -29.32
C THR D 174 20.94 7.69 -29.15
N ALA D 175 22.07 7.86 -29.84
CA ALA D 175 22.80 9.11 -29.76
C ALA D 175 21.97 10.27 -30.31
N GLU D 176 21.19 10.02 -31.35
CA GLU D 176 20.29 11.04 -31.88
C GLU D 176 19.27 11.46 -30.83
N GLY D 177 18.75 10.50 -30.06
CA GLY D 177 17.78 10.83 -29.02
C GLY D 177 18.38 11.71 -27.93
N VAL D 178 19.57 11.34 -27.44
CA VAL D 178 20.23 12.12 -26.41
C VAL D 178 20.49 13.54 -26.92
N ALA D 179 21.05 13.65 -28.13
CA ALA D 179 21.35 14.95 -28.69
C ALA D 179 20.09 15.80 -28.84
N ARG D 180 18.97 15.17 -29.23
CA ARG D 180 17.73 15.92 -29.40
C ARG D 180 17.28 16.53 -28.07
N VAL D 181 17.42 15.78 -26.98
CA VAL D 181 17.08 16.31 -25.66
C VAL D 181 17.90 17.56 -25.36
N ARG D 182 19.21 17.49 -25.64
CA ARG D 182 20.12 18.57 -25.24
C ARG D 182 19.88 19.84 -26.04
N LYS D 183 19.42 19.73 -27.28
CA LYS D 183 19.25 20.89 -28.15
C LYS D 183 17.81 21.36 -28.26
N SER D 184 16.88 20.76 -27.51
CA SER D 184 15.47 21.10 -27.62
C SER D 184 15.00 22.06 -26.53
N LYS D 185 15.92 22.57 -25.70
CA LYS D 185 15.58 23.56 -24.68
C LYS D 185 14.48 23.06 -23.75
N GLY D 186 14.51 21.77 -23.44
CA GLY D 186 13.53 21.19 -22.54
C GLY D 186 12.20 20.84 -23.17
N LYS D 187 12.11 20.89 -24.50
CA LYS D 187 10.86 20.61 -25.19
C LYS D 187 10.82 19.20 -25.76
N TYR D 188 11.82 18.37 -25.47
CA TYR D 188 11.84 16.99 -25.95
C TYR D 188 12.30 16.07 -24.83
N ALA D 189 11.52 15.03 -24.57
CA ALA D 189 11.85 13.99 -23.60
C ALA D 189 12.09 12.69 -24.34
N TYR D 190 13.19 12.02 -24.02
CA TYR D 190 13.61 10.81 -24.72
C TYR D 190 13.30 9.60 -23.87
N LEU D 191 12.58 8.64 -24.45
CA LEU D 191 12.26 7.38 -23.78
C LEU D 191 13.33 6.37 -24.17
N LEU D 192 14.12 5.93 -23.19
CA LEU D 192 15.21 5.00 -23.44
C LEU D 192 15.38 4.11 -22.21
N GLU D 193 16.32 3.18 -22.30
CA GLU D 193 16.49 2.20 -21.24
C GLU D 193 17.31 2.79 -20.10
N SER D 194 16.98 2.38 -18.88
CA SER D 194 17.56 2.97 -17.68
C SER D 194 19.09 2.90 -17.71
N THR D 195 19.65 1.81 -18.22
CA THR D 195 21.09 1.65 -18.25
C THR D 195 21.76 2.86 -18.92
N MET D 196 21.34 3.19 -20.14
CA MET D 196 21.95 4.30 -20.86
C MET D 196 21.55 5.63 -20.25
N ASN D 197 20.32 5.75 -19.76
CA ASN D 197 19.87 6.97 -19.11
C ASN D 197 20.79 7.34 -17.96
N GLU D 198 20.95 6.43 -17.00
CA GLU D 198 21.82 6.69 -15.85
C GLU D 198 23.24 6.95 -16.28
N TYR D 199 23.73 6.22 -17.28
CA TYR D 199 25.10 6.40 -17.76
C TYR D 199 25.32 7.83 -18.25
N ILE D 200 24.42 8.33 -19.10
CA ILE D 200 24.56 9.69 -19.62
C ILE D 200 24.43 10.70 -18.50
N GLU D 201 23.54 10.45 -17.54
CA GLU D 201 23.27 11.41 -16.47
C GLU D 201 24.55 11.80 -15.75
N GLN D 202 25.39 10.83 -15.41
CA GLN D 202 26.59 11.06 -14.62
C GLN D 202 27.81 11.37 -15.47
N ARG D 203 27.63 12.06 -16.60
CA ARG D 203 28.75 12.40 -17.46
C ARG D 203 28.46 13.72 -18.17
N LYS D 204 29.53 14.47 -18.44
CA LYS D 204 29.42 15.79 -19.05
C LYS D 204 28.62 15.72 -20.35
N PRO D 205 27.93 16.82 -20.72
CA PRO D 205 27.86 18.12 -20.05
C PRO D 205 27.00 18.13 -18.78
N CYS D 206 26.59 16.96 -18.30
CA CYS D 206 25.81 16.86 -17.05
C CYS D 206 24.51 17.65 -17.14
N ASP D 207 23.92 17.73 -18.34
CA ASP D 207 22.72 18.52 -18.55
C ASP D 207 21.45 17.69 -18.69
N THR D 208 21.56 16.36 -18.73
CA THR D 208 20.40 15.49 -18.79
C THR D 208 20.14 14.86 -17.43
N MET D 209 18.99 14.19 -17.31
CA MET D 209 18.55 13.66 -16.04
C MET D 209 17.50 12.58 -16.26
N LYS D 210 17.55 11.54 -15.44
CA LYS D 210 16.52 10.52 -15.43
C LYS D 210 15.45 10.91 -14.41
N VAL D 211 14.19 10.77 -14.80
CA VAL D 211 13.06 11.11 -13.94
C VAL D 211 12.11 9.92 -13.88
N GLY D 212 11.37 9.84 -12.77
CA GLY D 212 10.41 8.77 -12.59
C GLY D 212 11.06 7.41 -12.44
N GLY D 213 10.25 6.40 -12.12
CA GLY D 213 10.73 5.05 -12.08
C GLY D 213 10.64 4.37 -13.44
N ASN D 214 11.25 3.20 -13.53
CA ASN D 214 11.22 2.45 -14.78
C ASN D 214 9.78 2.05 -15.12
N LEU D 215 9.50 2.02 -16.42
CA LEU D 215 8.16 1.62 -16.88
C LEU D 215 7.97 0.11 -16.90
N ASP D 216 9.06 -0.66 -16.95
CA ASP D 216 8.98 -2.11 -16.97
C ASP D 216 10.30 -2.67 -16.45
N SER D 217 10.43 -3.99 -16.50
CA SER D 217 11.63 -4.67 -16.03
C SER D 217 11.99 -5.78 -17.01
N LYS D 218 13.18 -5.72 -17.58
CA LYS D 218 13.66 -6.73 -18.50
C LYS D 218 15.18 -6.82 -18.37
N GLY D 219 15.81 -7.52 -19.31
CA GLY D 219 17.24 -7.68 -19.27
C GLY D 219 17.83 -7.82 -20.65
N TYR D 220 19.16 -7.72 -20.71
CA TYR D 220 19.92 -8.00 -21.91
C TYR D 220 20.32 -9.47 -21.92
N GLY D 221 20.30 -10.07 -23.10
CA GLY D 221 20.68 -11.46 -23.24
C GLY D 221 21.52 -11.67 -24.49
N ILE D 222 22.32 -12.73 -24.45
CA ILE D 222 23.09 -13.16 -25.61
C ILE D 222 22.16 -13.90 -26.55
N ALA D 223 22.20 -13.55 -27.84
CA ALA D 223 21.26 -14.08 -28.81
C ALA D 223 21.97 -14.94 -29.84
N THR D 224 21.31 -16.02 -30.24
CA THR D 224 21.75 -16.89 -31.31
C THR D 224 20.53 -17.25 -32.14
N PRO D 225 20.73 -17.72 -33.37
CA PRO D 225 19.56 -18.10 -34.19
C PRO D 225 18.90 -19.36 -33.68
N LYS D 226 17.61 -19.49 -33.98
CA LYS D 226 16.85 -20.67 -33.58
C LYS D 226 17.52 -21.94 -34.10
N GLY D 227 17.59 -22.96 -33.24
CA GLY D 227 18.16 -24.23 -33.60
C GLY D 227 19.66 -24.29 -33.58
N SER D 228 20.35 -23.16 -33.43
CA SER D 228 21.80 -23.16 -33.40
C SER D 228 22.32 -24.10 -32.32
N SER D 229 23.34 -24.88 -32.67
CA SER D 229 24.01 -25.75 -31.72
C SER D 229 24.98 -24.99 -30.81
N LEU D 230 24.81 -23.67 -30.72
CA LEU D 230 25.63 -22.82 -29.87
C LEU D 230 24.87 -22.22 -28.71
N GLY D 231 23.53 -22.17 -28.79
CA GLY D 231 22.75 -21.50 -27.77
C GLY D 231 22.89 -22.14 -26.40
N ASN D 232 22.89 -23.48 -26.35
CA ASN D 232 23.02 -24.17 -25.08
C ASN D 232 24.35 -23.86 -24.40
N ALA D 233 25.44 -23.98 -25.15
CA ALA D 233 26.76 -23.68 -24.60
C ALA D 233 26.83 -22.24 -24.14
N VAL D 234 26.37 -21.30 -24.98
CA VAL D 234 26.44 -19.89 -24.63
C VAL D 234 25.63 -19.62 -23.37
N ASN D 235 24.46 -20.25 -23.23
CA ASN D 235 23.64 -20.05 -22.05
C ASN D 235 24.38 -20.47 -20.79
N LEU D 236 24.98 -21.67 -20.80
CA LEU D 236 25.73 -22.14 -19.63
C LEU D 236 26.92 -21.23 -19.34
N ALA D 237 27.59 -20.74 -20.39
CA ALA D 237 28.70 -19.82 -20.19
C ALA D 237 28.25 -18.58 -19.42
N VAL D 238 27.13 -17.98 -19.84
CA VAL D 238 26.62 -16.80 -19.15
C VAL D 238 26.38 -17.10 -17.67
N LEU D 239 25.74 -18.24 -17.39
CA LEU D 239 25.45 -18.60 -16.01
C LEU D 239 26.72 -18.90 -15.23
N LYS D 240 27.74 -19.45 -15.89
CA LYS D 240 29.01 -19.71 -15.22
C LYS D 240 29.74 -18.42 -14.90
N LEU D 241 29.79 -17.49 -15.85
CA LEU D 241 30.46 -16.22 -15.60
C LEU D 241 29.77 -15.44 -14.48
N ASN D 242 28.45 -15.56 -14.39
CA ASN D 242 27.72 -14.91 -13.30
C ASN D 242 28.07 -15.56 -11.96
N GLU D 243 27.95 -16.89 -11.90
CA GLU D 243 28.19 -17.60 -10.64
C GLU D 243 29.64 -17.44 -10.17
N GLN D 244 30.58 -17.29 -11.12
CA GLN D 244 31.97 -17.09 -10.73
C GLN D 244 32.27 -15.65 -10.34
N GLY D 245 31.40 -14.71 -10.70
CA GLY D 245 31.57 -13.32 -10.32
C GLY D 245 32.18 -12.43 -11.39
N LEU D 246 32.34 -12.93 -12.62
CA LEU D 246 32.99 -12.12 -13.65
C LEU D 246 32.09 -10.98 -14.11
N LEU D 247 30.78 -11.24 -14.24
CA LEU D 247 29.89 -10.18 -14.68
C LEU D 247 29.92 -9.00 -13.74
N ASP D 248 29.97 -9.26 -12.43
CA ASP D 248 30.13 -8.17 -11.47
C ASP D 248 31.46 -7.45 -11.66
N LYS D 249 32.53 -8.20 -11.92
CA LYS D 249 33.83 -7.58 -12.16
C LYS D 249 33.82 -6.74 -13.43
N LEU D 250 33.22 -7.26 -14.51
CA LEU D 250 33.13 -6.50 -15.75
C LEU D 250 32.29 -5.25 -15.57
N LYS D 251 31.16 -5.36 -14.87
CA LYS D 251 30.34 -4.19 -14.58
C LYS D 251 31.18 -3.10 -13.90
N ASN D 252 31.85 -3.46 -12.81
CA ASN D 252 32.67 -2.49 -12.07
C ASN D 252 33.80 -1.94 -12.94
N LYS D 253 34.33 -2.76 -13.85
CA LYS D 253 35.45 -2.32 -14.67
C LYS D 253 35.06 -1.16 -15.58
N TRP D 254 33.87 -1.22 -16.18
CA TRP D 254 33.48 -0.27 -17.22
C TRP D 254 32.46 0.76 -16.75
N TRP D 255 31.96 0.66 -15.51
CA TRP D 255 31.05 1.67 -14.97
C TRP D 255 31.69 2.40 -13.79
N GLU D 260 31.52 11.97 -12.27
CA GLU D 260 31.92 12.96 -13.27
C GLU D 260 30.97 14.16 -13.27
N CYS D 261 29.84 14.01 -12.58
CA CYS D 261 28.88 15.11 -12.44
C CYS D 261 28.62 15.39 -10.97
C1 5XN E . 17.37 -20.94 -1.06
C2 5XN E . 16.96 -19.86 -0.39
O3 5XN E . 17.94 -19.36 0.43
N4 5XN E . 19.06 -20.21 0.23
C5 5XN E . 18.73 -21.18 -0.67
C6 5XN E . 15.64 -19.19 -0.44
N7 5XN E . 15.43 -18.04 0.26
N8 5XN E . 14.21 -17.72 0.00
N9 5XN E . 13.73 -18.67 -0.84
N10 5XN E . 14.62 -19.64 -1.16
C11 5XN E . 12.37 -18.62 -1.34
C12 5XN E . 9.85 -16.53 1.53
C13 5XN E . 10.31 -15.86 0.38
C14 5XN E . 11.13 -16.54 -0.55
C15 5XN E . 11.47 -17.89 -0.33
C16 5XN E . 11.01 -18.55 0.83
C17 5XN E . 10.20 -17.87 1.75
O23 5XN E . 19.46 -22.10 -1.07
C24 5XN E . 16.63 -21.82 -2.07
C25 5XN E . 16.83 -21.41 -3.55
C26 5XN E . 16.91 -22.63 -4.49
O27 5XN E . 16.19 -22.63 -5.51
O28 5XN E . 17.67 -23.58 -4.22
N29 5XN E . 15.77 -20.52 -4.06
CL1 5XN E . 9.87 -14.21 0.12
H111 5XN E . 12.01 -19.64 -1.51
H112 5XN E . 12.34 -18.10 -2.30
H12 5XN E . 9.22 -16.01 2.24
H14 5XN E . 11.47 -16.01 -1.43
H16 5XN E . 11.27 -19.58 1.00
H17 5XN E . 9.84 -18.38 2.63
H241 5XN E . 16.99 -22.84 -1.92
H242 5XN E . 15.58 -21.85 -1.83
H25 5XN E . 17.79 -20.87 -3.65
H293 5XN E . 14.93 -21.02 -4.23
H291 5XN E . 16.14 -20.13 -4.90
H292 5XN E . 15.62 -19.78 -3.40
S SO4 F . -0.51 -12.54 18.02
O1 SO4 F . -1.87 -12.24 17.54
O2 SO4 F . 0.13 -13.47 17.11
O3 SO4 F . 0.25 -11.30 18.09
O4 SO4 F . -0.59 -13.14 19.36
S SO4 G . 28.54 -29.56 -8.15
O1 SO4 G . 29.53 -30.19 -7.28
O2 SO4 G . 28.73 -30.03 -9.52
O3 SO4 G . 28.70 -28.12 -8.11
O4 SO4 G . 27.19 -29.90 -7.70
S SO4 H . 31.23 -27.51 -14.91
O1 SO4 H . 30.64 -28.39 -13.90
O2 SO4 H . 31.51 -28.28 -16.12
O3 SO4 H . 30.31 -26.43 -15.21
O4 SO4 H . 32.48 -26.95 -14.39
S SO4 I . -3.40 -13.07 -24.19
O1 SO4 I . -4.67 -13.73 -23.90
O2 SO4 I . -2.48 -14.02 -24.79
O3 SO4 I . -3.62 -11.97 -25.12
O4 SO4 I . -2.83 -12.54 -22.95
C1 GOL J . 6.34 -4.69 -16.07
O1 GOL J . 7.44 -5.26 -16.75
C2 GOL J . 5.65 -3.65 -16.95
O2 GOL J . 5.51 -4.15 -18.27
C3 GOL J . 4.27 -3.33 -16.39
O3 GOL J . 3.97 -1.96 -16.64
H11 GOL J . 6.68 -4.22 -15.15
H12 GOL J . 5.63 -5.48 -15.80
HO1 GOL J . 7.91 -5.87 -16.15
H2 GOL J . 6.25 -2.75 -16.96
HO2 GOL J . 4.96 -4.96 -18.25
H31 GOL J . 4.26 -3.52 -15.32
H32 GOL J . 3.52 -3.96 -16.86
HO3 GOL J . 3.10 -1.75 -16.24
CL CL K . -5.00 -37.44 -16.35
CL CL L . 11.71 -8.43 -9.43
C1 EDO M . 14.70 -31.82 4.87
O1 EDO M . 14.12 -31.63 3.57
C2 EDO M . 13.79 -32.72 5.71
O2 EDO M . 13.86 -32.28 7.08
H11 EDO M . 14.83 -30.85 5.37
H12 EDO M . 15.69 -32.28 4.77
HO1 EDO M . 14.71 -31.07 3.04
H21 EDO M . 12.77 -32.65 5.35
H22 EDO M . 14.12 -33.75 5.64
HO2 EDO M . 13.28 -32.84 7.62
C1 EDO N . 14.49 -28.92 10.90
O1 EDO N . 14.80 -28.86 9.50
C2 EDO N . 13.24 -29.77 11.12
O2 EDO N . 13.45 -31.09 10.61
H11 EDO N . 15.34 -29.37 11.44
H12 EDO N . 14.34 -27.92 11.28
HO1 EDO N . 15.59 -28.33 9.36
H21 EDO N . 13.01 -29.81 12.19
H22 EDO N . 12.40 -29.30 10.61
HO2 EDO N . 12.65 -31.62 10.75
C1 EDO O . 22.17 -29.66 12.05
O1 EDO O . 23.20 -29.22 11.17
C2 EDO O . 21.04 -30.30 11.24
O2 EDO O . 20.43 -29.30 10.43
H11 EDO O . 21.77 -28.81 12.63
H12 EDO O . 22.57 -30.39 12.77
HO1 EDO O . 23.91 -28.81 11.67
H21 EDO O . 21.45 -31.09 10.61
H22 EDO O . 20.30 -30.74 11.92
HO2 EDO O . 19.71 -29.70 9.92
C1 EDO P . 19.39 -15.78 -13.30
O1 EDO P . 20.05 -16.54 -12.27
C2 EDO P . 20.39 -15.36 -14.36
O2 EDO P . 19.75 -14.56 -15.35
H11 EDO P . 18.60 -16.38 -13.75
H12 EDO P . 18.93 -14.89 -12.86
HO1 EDO P . 19.40 -16.80 -11.60
H21 EDO P . 21.20 -14.78 -13.90
H22 EDO P . 20.83 -16.24 -14.82
HO2 EDO P . 20.39 -14.29 -16.02
C1 EDO Q . -7.28 -25.26 -12.29
O1 EDO Q . -7.23 -25.74 -10.94
C2 EDO Q . -7.83 -26.34 -13.21
O2 EDO Q . -6.79 -27.29 -13.51
H11 EDO Q . -6.28 -24.96 -12.62
H12 EDO Q . -7.92 -24.37 -12.34
HO1 EDO Q . -6.89 -25.06 -10.36
H21 EDO Q . -8.20 -25.89 -14.14
H22 EDO Q . -8.66 -26.85 -12.72
HO2 EDO Q . -7.15 -27.97 -14.09
C1 5XN R . -16.73 0.45 28.07
C2 5XN R . -17.25 1.48 28.76
O3 5XN R . -16.34 2.01 29.65
N4 5XN R . -15.17 1.24 29.49
C5 5XN R . -15.38 0.29 28.55
C6 5XN R . -18.60 2.05 28.64
N7 5XN R . -18.99 3.10 29.42
N8 5XN R . -20.20 3.35 29.06
N9 5XN R . -20.50 2.46 28.07
N10 5XN R . -19.49 1.61 27.77
C11 5XN R . -21.80 2.46 27.42
C12 5XN R . -24.72 4.39 29.98
C13 5XN R . -24.17 5.09 28.90
C14 5XN R . -23.22 4.46 28.07
C15 5XN R . -22.83 3.13 28.31
C16 5XN R . -23.40 2.43 29.39
C17 5XN R . -24.35 3.05 30.23
O23 5XN R . -14.56 -0.57 28.14
C24 5XN R . -17.33 -0.44 26.99
C25 5XN R . -17.04 0.05 25.55
C26 5XN R . -16.82 -1.14 24.58
O27 5XN R . -17.40 -1.12 23.48
O28 5XN R . -16.07 -2.09 24.93
N29 5XN R . -18.10 0.91 25.00
CL1 5XN R . -24.64 6.72 28.61
H111 5XN R . -21.71 2.97 26.46
H112 5XN R . -22.10 1.43 27.21
H12 5XN R . -25.46 4.86 30.62
H14 5XN R . -22.79 5.02 27.24
H16 5XN R . -23.11 1.40 29.59
H17 5XN R . -24.78 2.51 31.05
H241 5XN R . -16.93 -1.44 27.14
H242 5XN R . -18.41 -0.53 27.16
H25 5XN R . -16.12 0.63 25.54
H293 5XN R . -18.30 1.68 25.61
H291 5XN R . -18.91 0.31 24.90
H292 5XN R . -17.83 1.24 24.08
S SO4 S . 2.61 -12.02 34.62
O1 SO4 S . 1.45 -12.07 33.75
O2 SO4 S . 3.72 -12.74 33.99
O3 SO4 S . 2.99 -10.63 34.85
O4 SO4 S . 2.28 -12.64 35.91
S SO4 T . -0.81 -3.48 15.55
O1 SO4 T . -2.00 -4.32 15.59
O2 SO4 T . 0.32 -4.25 15.02
O3 SO4 T . -1.05 -2.32 14.68
O4 SO4 T . -0.50 -3.00 16.89
S SO4 U . 3.66 -5.86 23.23
O1 SO4 U . 2.94 -6.83 22.40
O2 SO4 U . 4.93 -5.53 22.59
O3 SO4 U . 2.86 -4.64 23.37
O4 SO4 U . 3.92 -6.43 24.55
S SO4 V . -36.88 8.03 3.35
O1 SO4 V . -37.88 7.56 2.41
O2 SO4 V . -35.59 7.40 3.05
O3 SO4 V . -36.75 9.48 3.25
O4 SO4 V . -37.28 7.67 4.71
C1 GOL W . 5.51 9.54 25.49
O1 GOL W . 5.58 8.16 25.23
C2 GOL W . 4.14 10.06 25.11
O2 GOL W . 3.80 11.15 25.94
C3 GOL W . 4.14 10.51 23.65
O3 GOL W . 2.85 10.95 23.28
H11 GOL W . 6.28 10.06 24.92
H12 GOL W . 5.70 9.72 26.55
HO1 GOL W . 6.49 7.83 25.42
H2 GOL W . 3.41 9.26 25.24
HO2 GOL W . 4.45 11.88 25.81
H31 GOL W . 4.44 9.68 23.01
H32 GOL W . 4.85 11.32 23.51
HO3 GOL W . 2.56 10.47 22.47
C1 GOL X . -10.36 -13.95 14.06
O1 GOL X . -11.59 -14.11 13.37
C2 GOL X . -10.53 -14.39 15.51
O2 GOL X . -9.28 -14.39 16.16
C3 GOL X . -11.14 -15.79 15.55
O3 GOL X . -11.00 -16.34 16.85
H11 GOL X . -10.06 -12.90 14.03
H12 GOL X . -9.59 -14.55 13.58
HO1 GOL X . -11.49 -13.76 12.46
H2 GOL X . -11.20 -13.70 16.01
HO2 GOL X . -9.39 -14.67 17.10
H31 GOL X . -10.64 -16.43 14.83
H32 GOL X . -12.20 -15.73 15.30
HO3 GOL X . -11.10 -17.31 16.81
O1 PG4 Y . 5.06 -3.81 38.17
C1 PG4 Y . 5.12 -4.84 37.18
C2 PG4 Y . 3.74 -5.01 36.55
O2 PG4 Y . 3.78 -5.93 35.46
C3 PG4 Y . 4.41 -5.41 34.29
C4 PG4 Y . 3.39 -5.32 33.16
O3 PG4 Y . 4.00 -4.82 31.96
C5 PG4 Y . 3.06 -4.40 30.98
C6 PG4 Y . 2.90 -5.48 29.92
O4 PG4 Y . 1.52 -5.86 29.83
C7 PG4 Y . 1.32 -6.92 28.91
C8 PG4 Y . 0.15 -7.78 29.38
O5 PG4 Y . 0.26 -9.09 28.80
HO1 PG4 Y . 5.93 -3.69 38.57
H11 PG4 Y . 5.45 -5.77 37.63
H12 PG4 Y . 5.84 -4.56 36.41
H21 PG4 Y . 3.05 -5.38 37.31
H22 PG4 Y . 3.37 -4.05 36.21
H31 PG4 Y . 5.23 -6.07 33.99
H32 PG4 Y . 4.82 -4.43 34.50
H41 PG4 Y . 2.58 -4.65 33.46
H42 PG4 Y . 2.96 -6.30 32.98
H51 PG4 Y . 2.10 -4.21 31.46
H52 PG4 Y . 3.40 -3.48 30.52
H61 PG4 Y . 3.25 -5.11 28.95
H62 PG4 Y . 3.51 -6.35 30.19
H71 PG4 Y . 2.22 -7.54 28.85
H72 PG4 Y . 1.10 -6.52 27.92
H81 PG4 Y . 0.15 -7.85 30.47
H82 PG4 Y . -0.79 -7.33 29.06
HO5 PG4 Y . -0.49 -9.64 29.10
CL CL Z . -13.40 5.40 16.90
CL CL AA . -8.60 -9.94 43.55
CL CL BA . -39.39 -6.78 13.72
C1 EDO CA . -4.98 10.89 23.27
O1 EDO CA . -4.57 11.86 22.29
C2 EDO CA . -4.89 9.48 22.69
O2 EDO CA . -5.84 9.35 21.62
H11 EDO CA . -6.00 11.10 23.58
H12 EDO CA . -4.33 10.96 24.15
HO1 EDO CA . -4.63 12.75 22.67
H21 EDO CA . -3.88 9.30 22.32
H22 EDO CA . -5.10 8.75 23.46
HO2 EDO CA . -5.78 8.45 21.26
C1 EDO DA . -12.54 -8.77 40.08
O1 EDO DA . -12.53 -7.68 41.00
C2 EDO DA . -13.93 -9.40 40.04
O2 EDO DA . -14.88 -8.48 39.48
H11 EDO DA . -11.81 -9.51 40.38
H12 EDO DA . -12.28 -8.41 39.08
HO1 EDO DA . -11.65 -7.28 41.02
H21 EDO DA . -14.23 -9.69 41.05
H22 EDO DA . -13.90 -10.31 39.43
HO2 EDO DA . -15.75 -8.89 39.47
C1 5XN EA . -17.68 22.85 2.55
C2 5XN EA . -17.36 23.67 3.55
O3 5XN EA . -18.40 24.52 3.88
N4 5XN EA . -19.43 24.18 2.99
C5 5XN EA . -19.03 23.17 2.18
C6 5XN EA . -16.08 23.74 4.30
N7 5XN EA . -15.87 24.66 5.28
N8 5XN EA . -14.67 24.42 5.70
N9 5XN EA . -14.20 23.38 4.96
N10 5XN EA . -15.08 22.92 4.05
C11 5XN EA . -12.87 22.82 5.16
C12 5XN EA . -10.27 25.90 6.71
C13 5XN EA . -10.83 24.95 7.58
C14 5XN EA . -11.68 23.95 7.08
C15 5XN EA . -11.95 23.90 5.69
C16 5XN EA . -11.39 24.86 4.82
C17 5XN EA . -10.55 25.86 5.34
O23 5XN EA . -19.68 22.61 1.27
C24 5XN EA . -16.87 21.75 1.87
C25 5XN EA . -17.08 20.34 2.47
C26 5XN EA . -17.14 19.25 1.36
O27 5XN EA . -16.42 18.24 1.49
O28 5XN EA . -17.88 19.42 0.38
N29 5XN EA . -16.06 19.94 3.45
CL1 5XN EA . -10.49 25.02 9.27
H111 5XN EA . -12.52 22.42 4.20
H112 5XN EA . -12.93 21.98 5.85
H12 5XN EA . -9.61 26.67 7.11
H14 5XN EA . -12.12 23.23 7.75
H16 5XN EA . -11.60 24.83 3.76
H17 5XN EA . -10.11 26.59 4.67
H241 5XN EA . -15.82 22.03 1.94
H242 5XN EA . -17.08 21.75 0.79
H25 5XN EA . -18.05 20.31 2.98
H293 5XN EA . -15.96 20.62 4.18
H291 5XN EA . -16.36 19.06 3.81
H292 5XN EA . -15.17 19.81 2.97
S SO4 FA . -28.70 14.99 -5.19
O1 SO4 FA . -28.48 15.17 -6.63
O2 SO4 FA . -29.53 13.82 -4.98
O3 SO4 FA . -29.35 16.17 -4.65
O4 SO4 FA . -27.41 14.81 -4.53
S SO4 GA . 3.84 1.81 14.66
O1 SO4 GA . 3.26 1.52 13.36
O2 SO4 GA . 5.30 1.63 14.59
O3 SO4 GA . 3.56 3.19 15.04
O4 SO4 GA . 3.29 0.90 15.66
C1 GOL HA . -24.34 41.84 -1.94
O1 GOL HA . -24.71 42.06 -3.28
C2 GOL HA . -24.57 40.38 -1.59
O2 GOL HA . -23.59 39.94 -0.68
C3 GOL HA . -25.96 40.21 -0.97
O3 GOL HA . -26.55 39.02 -1.46
H11 GOL HA . -24.92 42.48 -1.28
H12 GOL HA . -23.28 42.08 -1.81
HO1 GOL HA . -24.62 43.01 -3.50
H2 GOL HA . -24.53 39.79 -2.50
HO2 GOL HA . -23.65 40.46 0.15
H31 GOL HA . -26.58 41.06 -1.22
H32 GOL HA . -25.88 40.16 0.11
HO3 GOL HA . -27.37 39.25 -1.95
C1 GOL IA . -11.38 17.81 -11.31
O1 GOL IA . -10.15 17.28 -11.75
C2 GOL IA . -12.53 17.18 -12.09
O2 GOL IA . -12.12 16.87 -13.40
C3 GOL IA . -13.02 15.92 -11.38
O3 GOL IA . -13.82 15.16 -12.25
H11 GOL IA . -11.39 18.89 -11.44
H12 GOL IA . -11.51 17.60 -10.24
HO1 GOL IA . -9.42 17.74 -11.28
H2 GOL IA . -13.35 17.89 -12.12
HO2 GOL IA . -11.39 16.22 -13.37
H31 GOL IA . -13.59 16.20 -10.49
H32 GOL IA . -12.16 15.33 -11.06
HO3 GOL IA . -13.87 14.23 -11.92
CL CL JA . -12.54 16.56 16.40
C1 EDO KA . -20.36 32.77 -7.97
O1 EDO KA . -19.23 33.65 -7.87
C2 EDO KA . -21.62 33.58 -8.24
O2 EDO KA . -21.77 34.60 -7.25
H11 EDO KA . -20.20 32.06 -8.77
H12 EDO KA . -20.48 32.21 -7.04
HO1 EDO KA . -18.44 33.13 -7.70
H21 EDO KA . -21.56 34.03 -9.24
H22 EDO KA . -22.49 32.92 -8.22
HO2 EDO KA . -22.58 35.12 -7.43
C1 EDO LA . -12.78 32.66 -7.91
O1 EDO LA . -12.46 33.88 -8.58
C2 EDO LA . -13.78 32.95 -6.79
O2 EDO LA . -14.33 31.71 -6.31
H11 EDO LA . -13.23 31.95 -8.62
H12 EDO LA . -11.88 32.20 -7.49
HO1 EDO LA . -11.82 33.69 -9.29
H21 EDO LA . -13.27 33.47 -5.97
H22 EDO LA . -14.57 33.59 -7.16
HO2 EDO LA . -14.96 31.90 -5.59
C1 EDO MA . -19.86 11.43 9.43
O1 EDO MA . -20.53 12.44 8.66
C2 EDO MA . -20.86 10.68 10.28
O2 EDO MA . -20.19 9.64 11.01
H11 EDO MA . -19.34 10.74 8.77
H12 EDO MA . -19.11 11.91 10.07
HO1 EDO MA . -19.89 12.92 8.12
H21 EDO MA . -21.36 11.36 10.98
H22 EDO MA . -21.63 10.24 9.64
HO2 EDO MA . -20.83 9.16 11.56
C1 EDO NA . 7.59 11.88 -0.68
O1 EDO NA . 7.29 12.93 0.24
C2 EDO NA . 7.13 10.55 -0.11
O2 EDO NA . 6.61 9.72 -1.16
H11 EDO NA . 8.67 11.85 -0.85
H12 EDO NA . 7.09 12.08 -1.63
HO1 EDO NA . 7.58 13.78 -0.12
H21 EDO NA . 6.36 10.71 0.64
H22 EDO NA . 7.97 10.04 0.37
HO2 EDO NA . 6.32 8.88 -0.79
C1 5XN OA . 17.00 0.59 -26.91
C2 5XN OA . 17.48 1.40 -25.95
O3 5XN OA . 16.56 2.36 -25.59
N4 5XN OA . 15.42 2.11 -26.40
C5 5XN OA . 15.67 1.04 -27.20
C6 5XN OA . 18.80 1.34 -25.30
N7 5XN OA . 19.13 2.19 -24.29
N8 5XN OA . 20.34 1.86 -23.97
N9 5XN OA . 20.69 0.84 -24.78
N10 5XN OA . 19.73 0.46 -25.65
C11 5XN OA . 21.99 0.20 -24.70
C12 5XN OA . 24.99 2.97 -23.21
C13 5XN OA . 24.37 2.07 -22.33
C14 5XN OA . 23.39 1.17 -22.82
C15 5XN OA . 23.05 1.17 -24.19
C16 5XN OA . 23.67 2.07 -25.06
C17 5XN OA . 24.64 2.98 -24.57
O23 5XN OA . 14.89 0.54 -28.04
C24 5XN OA . 17.64 -0.60 -27.60
C25 5XN OA . 17.29 -1.97 -26.97
C26 5XN OA . 17.04 -3.05 -28.05
O27 5XN OA . 17.56 -4.17 -27.89
O28 5XN OA . 16.33 -2.77 -29.04
N29 5XN OA . 18.31 -2.46 -26.03
CL1 5XN OA . 24.79 2.07 -20.66
H111 5XN OA . 22.26 -0.18 -25.68
H112 5XN OA . 21.93 -0.67 -24.03
H12 5XN OA . 25.73 3.66 -22.83
H14 5XN OA . 22.92 0.48 -22.13
H16 5XN OA . 23.42 2.09 -26.11
H17 5XN OA . 25.13 3.67 -25.25
H241 5XN OA . 17.31 -0.58 -28.65
H242 5XN OA . 18.72 -0.46 -27.65
H25 5XN OA . 16.36 -1.87 -26.40
H293 5XN OA . 18.54 -1.77 -25.33
H291 5XN OA . 17.92 -3.28 -25.61
H292 5XN OA . 19.14 -2.72 -26.55
S SO4 PA . 0.45 -11.53 -29.84
O1 SO4 PA . -0.53 -12.58 -30.14
O2 SO4 PA . 1.26 -11.28 -31.03
O3 SO4 PA . -0.24 -10.31 -29.45
O4 SO4 PA . 1.31 -11.97 -28.75
S SO4 QA . -3.07 -4.93 -33.19
O1 SO4 QA . -4.15 -5.89 -33.02
O2 SO4 QA . -1.94 -5.58 -33.87
O3 SO4 QA . -3.53 -3.81 -34.00
O4 SO4 QA . -2.63 -4.45 -31.88
C1 GOL RA . 11.66 -1.68 -45.66
O1 GOL RA . 12.67 -2.17 -44.82
C2 GOL RA . 10.82 -2.83 -46.21
O2 GOL RA . 9.62 -2.34 -46.74
C3 GOL RA . 10.49 -3.85 -45.12
O3 GOL RA . 11.33 -4.98 -45.22
H11 GOL RA . 12.11 -1.13 -46.49
H12 GOL RA . 11.02 -0.99 -45.11
HO1 GOL RA . 13.24 -1.42 -44.52
H2 GOL RA . 11.39 -3.34 -46.99
HO2 GOL RA . 9.09 -3.08 -47.11
H31 GOL RA . 9.45 -4.17 -45.21
H32 GOL RA . 10.62 -3.39 -44.14
HO3 GOL RA . 11.97 -4.98 -44.47
CL CL SA . 22.44 -5.62 -13.41
CL CL TA . -4.50 0.09 -17.56
CL CL UA . 38.62 -11.52 -6.27
C1 EDO VA . 14.92 11.21 -38.23
O1 EDO VA . 15.69 10.58 -37.21
C2 EDO VA . 13.45 11.30 -37.80
O2 EDO VA . 13.33 12.19 -36.69
H11 EDO VA . 15.30 12.22 -38.42
H12 EDO VA . 15.00 10.64 -39.16
HO1 EDO VA . 16.61 10.53 -37.48
H21 EDO VA . 12.85 11.65 -38.63
H22 EDO VA . 13.10 10.31 -37.52
HO2 EDO VA . 12.40 12.24 -36.42
C1 EDO WA . 14.09 -10.79 -19.73
O1 EDO WA . 13.13 -9.78 -20.09
C2 EDO WA . 14.11 -10.98 -18.21
O2 EDO WA . 13.21 -12.02 -17.83
H11 EDO WA . 13.84 -11.73 -20.21
H12 EDO WA . 15.08 -10.50 -20.08
HO1 EDO WA . 13.14 -9.68 -21.05
H21 EDO WA . 13.83 -10.05 -17.73
H22 EDO WA . 15.13 -11.24 -17.90
HO2 EDO WA . 13.23 -12.13 -16.88
C1 EDO XA . 10.89 -13.98 -40.42
O1 EDO XA . 9.88 -13.02 -40.07
C2 EDO XA . 10.90 -14.19 -41.93
O2 EDO XA . 11.35 -12.99 -42.58
H11 EDO XA . 10.68 -14.93 -39.92
H12 EDO XA . 11.87 -13.62 -40.08
HO1 EDO XA . 9.88 -12.89 -39.12
H21 EDO XA . 9.90 -14.44 -42.28
H22 EDO XA . 11.57 -15.02 -42.18
HO2 EDO XA . 11.35 -13.13 -43.53
#